data_7NVH
#
_entry.id   7NVH
#
_cell.length_a   1.00
_cell.length_b   1.00
_cell.length_c   1.00
_cell.angle_alpha   90.00
_cell.angle_beta   90.00
_cell.angle_gamma   90.00
#
_symmetry.space_group_name_H-M   'P 1'
#
loop_
_entity.id
_entity.type
_entity.pdbx_description
1 polymer 'Trehalose monomycolate exporter MmpL3'
2 non-polymer 'Lauryl Maltose Neopentyl Glycol'
#
_entity_poly.entity_id   1
_entity_poly.type   'polypeptide(L)'
_entity_poly.pdbx_seq_one_letter_code
;MFAWWGRTVYRYRFIVIGVMVALCLGGGVFGLSLGKHVTQSGFYDDGSQSVQASVLGDQVYGRDRSGHIVAIFQAPAGKT
VDDPAWSKKVVDELNRFQQDHPDQVLGWAGYLRASQATGMATADKKYTFVSIPLKGDDDDTILNNYKAIAPDLQRLDGGT
VKLAGLQPVAEALTGTIATDQRRMEVLALPLVAVVLFFVFGGVIAAGLPVMVGGLCIAGALGIMRFLAIFGPVHYFAQPV
VSLIGLGIAIDYGLFIVSRFREEIAEGYDTETAVRRTVITAGRTVTFSAVLIVASAIGLLLFPQGFLKSLTYATIASVML
SAILSITVLPACLGILGKHVDALGVRTLFRVPFLANWKISAAYLNWLADRLQRTKTREEVEAGFWGKLVNRVMKRPVLFA
APIVIIMILLIIPVGKLSLGGISEKYLPPTNSVRQAQEEFDKLFPGYRTNPLTLVIQTSNHQPVTDAQIADIRSKAMAIG
GFIEPDNDPANMWQERAYAVGASKDPSVRVLQNGLINPADASKKLTELRAITPPKGITVLVGGTPALELDSIHGLFAKMP
LMVVILLTTTIVLMFLAFGSVVLPIKATLMSALTLGSTMGILTWIFVDGHFSKWLNFTPTPLTAPVIGLIIALVFGLSTD
YEVFLVSRMVEARERGMSTQEAIRIGTAATGRIITAAALIVAVVAGAFVFSDLVMMKYLAFGLMAALLLDATVVRMFLVP
SVMKLLGDDCWWAPRWARRLQTRIGLGEIHLPDGSENLYFQ
;
_entity_poly.pdbx_strand_id   A
#
loop_
_chem_comp.id
_chem_comp.type
_chem_comp.name
_chem_comp.formula
AV0 non-polymer 'Lauryl Maltose Neopentyl Glycol' 'C47 H88 O22'
#
# COMPACT_ATOMS: atom_id res chain seq x y z
N MET A 1 35.77 -0.63 0.37
CA MET A 1 34.62 -0.88 1.22
C MET A 1 33.96 -2.19 0.85
N PHE A 2 33.52 -2.32 -0.40
CA PHE A 2 32.95 -3.58 -0.87
C PHE A 2 34.02 -4.62 -1.14
N ALA A 3 35.24 -4.19 -1.45
CA ALA A 3 36.34 -5.12 -1.66
C ALA A 3 36.96 -5.61 -0.36
N TRP A 4 36.56 -5.02 0.77
CA TRP A 4 36.96 -5.50 2.08
C TRP A 4 35.92 -6.44 2.67
N TRP A 5 34.64 -6.13 2.48
CA TRP A 5 33.60 -7.03 2.92
C TRP A 5 33.65 -8.36 2.19
N GLY A 6 34.06 -8.35 0.92
CA GLY A 6 34.22 -9.60 0.20
C GLY A 6 35.26 -10.50 0.81
N ARG A 7 36.32 -9.91 1.37
CA ARG A 7 37.38 -10.69 1.99
C ARG A 7 37.06 -11.08 3.43
N THR A 8 36.24 -10.29 4.13
CA THR A 8 35.90 -10.62 5.51
C THR A 8 34.64 -11.45 5.65
N VAL A 9 33.80 -11.54 4.61
CA VAL A 9 32.63 -12.40 4.68
C VAL A 9 32.99 -13.85 4.36
N TYR A 10 34.20 -14.11 3.89
CA TYR A 10 34.66 -15.47 3.66
C TYR A 10 35.50 -16.02 4.80
N ARG A 11 36.35 -15.20 5.41
CA ARG A 11 37.12 -15.68 6.55
C ARG A 11 36.19 -16.09 7.70
N TYR A 12 35.18 -15.27 7.97
CA TYR A 12 34.11 -15.61 8.91
C TYR A 12 32.85 -15.80 8.07
N ARG A 13 32.69 -16.99 7.51
CA ARG A 13 31.51 -17.33 6.74
C ARG A 13 30.55 -18.21 7.53
N PHE A 14 30.92 -18.59 8.74
CA PHE A 14 30.05 -19.32 9.65
C PHE A 14 29.45 -18.42 10.71
N ILE A 15 30.23 -17.48 11.24
CA ILE A 15 29.71 -16.51 12.21
C ILE A 15 28.77 -15.50 11.57
N VAL A 16 28.74 -15.42 10.24
CA VAL A 16 27.77 -14.58 9.57
C VAL A 16 26.56 -15.40 9.09
N ILE A 17 26.72 -16.70 8.87
CA ILE A 17 25.62 -17.56 8.49
C ILE A 17 24.87 -18.12 9.69
N GLY A 18 25.43 -18.00 10.89
CA GLY A 18 24.78 -18.51 12.08
C GLY A 18 24.26 -17.42 13.00
N VAL A 19 24.73 -16.19 12.79
CA VAL A 19 24.26 -15.04 13.55
C VAL A 19 23.18 -14.27 12.80
N MET A 20 23.38 -14.06 11.50
CA MET A 20 22.39 -13.36 10.70
C MET A 20 21.20 -14.25 10.35
N VAL A 21 21.28 -15.56 10.62
CA VAL A 21 20.09 -16.39 10.53
C VAL A 21 19.39 -16.44 11.88
N ALA A 22 20.12 -16.34 12.98
CA ALA A 22 19.48 -16.22 14.29
C ALA A 22 18.69 -14.94 14.39
N LEU A 23 19.30 -13.82 14.00
CA LEU A 23 18.62 -12.53 14.08
C LEU A 23 17.41 -12.44 13.15
N CYS A 24 17.29 -13.35 12.19
CA CYS A 24 16.16 -13.35 11.27
C CYS A 24 15.16 -14.46 11.54
N LEU A 25 15.52 -15.47 12.34
CA LEU A 25 14.62 -16.55 12.70
C LEU A 25 14.05 -16.37 14.10
N GLY A 26 14.92 -16.19 15.11
CA GLY A 26 14.40 -15.81 16.41
C GLY A 26 13.87 -14.41 16.47
N GLY A 27 14.26 -13.56 15.52
CA GLY A 27 13.64 -12.27 15.34
C GLY A 27 12.42 -12.30 14.47
N GLY A 28 12.11 -13.45 13.87
CA GLY A 28 10.90 -13.60 13.08
C GLY A 28 9.82 -14.30 13.84
N VAL A 29 10.21 -15.15 14.80
CA VAL A 29 9.23 -15.72 15.72
C VAL A 29 8.63 -14.64 16.61
N PHE A 30 9.31 -13.51 16.76
CA PHE A 30 8.75 -12.38 17.49
C PHE A 30 7.71 -11.63 16.66
N GLY A 31 7.84 -11.67 15.33
CA GLY A 31 6.88 -11.00 14.47
C GLY A 31 5.57 -11.74 14.28
N LEU A 32 5.48 -12.97 14.79
CA LEU A 32 4.24 -13.73 14.67
C LEU A 32 3.08 -13.05 15.39
N SER A 33 3.36 -12.15 16.31
CA SER A 33 2.34 -11.40 17.02
C SER A 33 1.95 -10.12 16.30
N LEU A 34 2.48 -9.88 15.09
CA LEU A 34 2.21 -8.63 14.39
C LEU A 34 0.72 -8.50 14.05
N GLY A 35 0.09 -9.60 13.65
CA GLY A 35 -1.30 -9.54 13.22
C GLY A 35 -2.25 -9.03 14.29
N LYS A 36 -1.90 -9.19 15.56
CA LYS A 36 -2.75 -8.70 16.64
C LYS A 36 -2.64 -7.19 16.81
N HIS A 37 -1.43 -6.64 16.65
CA HIS A 37 -1.16 -5.25 17.00
C HIS A 37 -1.28 -4.30 15.82
N VAL A 38 -1.63 -4.77 14.64
CA VAL A 38 -1.80 -3.89 13.49
C VAL A 38 -3.12 -3.15 13.61
N THR A 39 -3.10 -1.86 13.32
CA THR A 39 -4.27 -1.00 13.41
C THR A 39 -4.81 -0.69 12.01
N GLN A 40 -6.02 -0.13 11.98
CA GLN A 40 -6.64 0.28 10.72
C GLN A 40 -6.77 1.79 10.60
N SER A 41 -6.20 2.55 11.53
CA SER A 41 -6.27 4.00 11.49
C SER A 41 -4.96 4.57 10.94
N GLY A 42 -5.07 5.71 10.29
CA GLY A 42 -3.90 6.36 9.71
C GLY A 42 -4.12 6.89 8.31
N PHE A 43 -5.35 6.81 7.82
CA PHE A 43 -5.66 7.32 6.49
C PHE A 43 -5.97 8.80 6.49
N TYR A 44 -5.95 9.47 7.63
CA TYR A 44 -6.36 10.85 7.74
C TYR A 44 -5.25 11.69 8.33
N ASP A 45 -5.13 12.93 7.84
CA ASP A 45 -4.15 13.88 8.36
C ASP A 45 -4.50 14.20 9.81
N ASP A 46 -3.73 13.68 10.75
CA ASP A 46 -4.04 13.81 12.17
C ASP A 46 -3.87 15.23 12.70
N GLY A 47 -3.26 16.12 11.92
CA GLY A 47 -3.17 17.52 12.29
C GLY A 47 -4.17 18.42 11.60
N SER A 48 -5.10 17.88 10.82
CA SER A 48 -6.04 18.69 10.09
C SER A 48 -7.14 19.21 11.01
N GLN A 49 -7.98 20.09 10.46
CA GLN A 49 -9.09 20.65 11.21
C GLN A 49 -10.29 19.72 11.27
N SER A 50 -10.30 18.65 10.47
CA SER A 50 -11.39 17.69 10.51
C SER A 50 -11.16 16.58 11.52
N VAL A 51 -9.90 16.15 11.68
CA VAL A 51 -9.58 15.19 12.73
C VAL A 51 -9.78 15.83 14.09
N GLN A 52 -9.41 17.10 14.23
CA GLN A 52 -9.67 17.82 15.48
C GLN A 52 -11.16 17.84 15.79
N ALA A 53 -11.99 18.14 14.78
CA ALA A 53 -13.43 18.17 14.97
C ALA A 53 -13.98 16.80 15.34
N SER A 54 -13.51 15.75 14.68
CA SER A 54 -13.95 14.39 15.02
C SER A 54 -13.57 14.00 16.44
N VAL A 55 -12.35 14.32 16.86
CA VAL A 55 -11.92 14.03 18.23
C VAL A 55 -12.74 14.80 19.25
N LEU A 56 -13.00 16.08 19.01
CA LEU A 56 -13.84 16.83 19.93
C LEU A 56 -15.25 16.27 19.99
N GLY A 57 -15.82 15.88 18.84
CA GLY A 57 -17.14 15.29 18.84
C GLY A 57 -17.19 14.00 19.63
N ASP A 58 -16.20 13.13 19.43
CA ASP A 58 -16.15 11.89 20.19
C ASP A 58 -15.98 12.15 21.69
N GLN A 59 -15.15 13.13 22.05
CA GLN A 59 -14.89 13.40 23.45
C GLN A 59 -16.13 13.96 24.15
N VAL A 60 -16.77 14.94 23.54
CA VAL A 60 -17.84 15.66 24.23
C VAL A 60 -19.18 14.97 24.05
N TYR A 61 -19.51 14.52 22.85
CA TYR A 61 -20.82 13.99 22.54
C TYR A 61 -20.87 12.47 22.57
N GLY A 62 -19.76 11.80 22.85
CA GLY A 62 -19.75 10.36 22.90
C GLY A 62 -19.67 9.71 21.53
N ARG A 63 -19.05 8.55 21.46
CA ARG A 63 -18.90 7.86 20.19
C ARG A 63 -20.24 7.38 19.66
N ASP A 64 -20.39 7.42 18.34
CA ASP A 64 -21.64 7.02 17.68
C ASP A 64 -21.62 5.51 17.50
N ARG A 65 -22.12 4.80 18.50
CA ARG A 65 -22.19 3.34 18.48
C ARG A 65 -23.53 2.86 17.94
N SER A 66 -23.93 3.36 16.77
CA SER A 66 -25.19 2.95 16.15
C SER A 66 -25.00 2.17 14.87
N GLY A 67 -24.00 2.50 14.07
CA GLY A 67 -23.72 1.81 12.83
C GLY A 67 -22.72 0.67 12.96
N HIS A 68 -22.37 0.27 14.18
CA HIS A 68 -21.39 -0.79 14.35
C HIS A 68 -21.86 -2.10 13.75
N ILE A 69 -23.06 -2.54 14.14
CA ILE A 69 -23.66 -3.76 13.63
C ILE A 69 -25.14 -3.51 13.38
N VAL A 70 -25.61 -3.86 12.19
CA VAL A 70 -27.04 -3.95 11.91
C VAL A 70 -27.32 -5.36 11.40
N ALA A 71 -28.27 -6.03 12.04
CA ALA A 71 -28.59 -7.42 11.73
C ALA A 71 -29.99 -7.47 11.14
N ILE A 72 -30.08 -7.85 9.87
CA ILE A 72 -31.33 -7.80 9.13
C ILE A 72 -32.05 -9.13 9.31
N PHE A 73 -33.27 -9.06 9.85
CA PHE A 73 -34.07 -10.25 10.08
C PHE A 73 -35.19 -10.33 9.06
N GLN A 74 -35.51 -11.56 8.63
CA GLN A 74 -36.47 -11.79 7.58
C GLN A 74 -37.64 -12.61 8.12
N ALA A 75 -38.84 -12.34 7.58
CA ALA A 75 -40.05 -12.98 8.05
C ALA A 75 -40.02 -14.48 7.74
N PRO A 76 -40.84 -15.28 8.45
CA PRO A 76 -40.79 -16.75 8.31
C PRO A 76 -41.40 -17.26 7.01
N ALA A 77 -40.96 -16.70 5.88
CA ALA A 77 -41.31 -17.19 4.55
C ALA A 77 -42.82 -17.32 4.37
N GLY A 78 -43.47 -16.16 4.38
CA GLY A 78 -44.92 -16.13 4.26
C GLY A 78 -45.59 -15.63 5.51
N LYS A 79 -44.94 -14.68 6.18
CA LYS A 79 -45.44 -14.06 7.39
C LYS A 79 -44.92 -12.63 7.44
N THR A 80 -45.27 -11.93 8.51
CA THR A 80 -44.77 -10.58 8.74
C THR A 80 -43.82 -10.58 9.93
N VAL A 81 -43.10 -9.48 10.09
CA VAL A 81 -42.22 -9.34 11.25
C VAL A 81 -42.99 -9.06 12.53
N ASP A 82 -44.28 -8.75 12.41
CA ASP A 82 -45.13 -8.54 13.58
C ASP A 82 -45.73 -9.83 14.11
N ASP A 83 -45.17 -10.97 13.76
CA ASP A 83 -45.70 -12.25 14.22
C ASP A 83 -45.50 -12.35 15.73
N PRO A 84 -46.55 -12.63 16.50
CA PRO A 84 -46.38 -12.76 17.95
C PRO A 84 -45.31 -13.76 18.36
N ALA A 85 -45.16 -14.87 17.63
CA ALA A 85 -44.21 -15.90 18.01
C ALA A 85 -42.81 -15.59 17.51
N TRP A 86 -42.68 -15.29 16.22
CA TRP A 86 -41.36 -15.07 15.63
C TRP A 86 -40.66 -13.87 16.25
N SER A 87 -41.39 -12.77 16.41
CA SER A 87 -40.79 -11.59 17.04
C SER A 87 -40.38 -11.89 18.47
N LYS A 88 -41.22 -12.64 19.20
CA LYS A 88 -40.91 -12.97 20.58
C LYS A 88 -39.62 -13.78 20.67
N LYS A 89 -39.46 -14.78 19.81
CA LYS A 89 -38.27 -15.61 19.87
CA LYS A 89 -38.27 -15.61 19.87
C LYS A 89 -37.03 -14.90 19.35
N VAL A 90 -37.16 -14.02 18.35
CA VAL A 90 -36.00 -13.25 17.94
C VAL A 90 -35.56 -12.31 19.05
N VAL A 91 -36.51 -11.73 19.78
CA VAL A 91 -36.17 -10.98 20.98
C VAL A 91 -35.43 -11.88 21.97
N ASP A 92 -36.11 -12.94 22.43
CA ASP A 92 -35.56 -13.87 23.42
C ASP A 92 -34.24 -14.49 22.98
N GLU A 93 -33.87 -14.30 21.73
CA GLU A 93 -32.54 -14.71 21.26
C GLU A 93 -31.54 -13.57 21.21
N LEU A 94 -31.99 -12.33 20.99
CA LEU A 94 -31.09 -11.19 21.08
C LEU A 94 -30.75 -10.87 22.54
N ASN A 95 -31.74 -10.95 23.42
CA ASN A 95 -31.48 -11.23 24.82
C ASN A 95 -30.97 -12.66 24.93
N ARG A 96 -30.02 -12.88 25.84
CA ARG A 96 -29.18 -14.07 25.95
C ARG A 96 -28.06 -14.05 24.92
N PHE A 97 -28.03 -13.06 24.02
CA PHE A 97 -26.82 -12.73 23.29
C PHE A 97 -26.18 -11.46 23.82
N GLN A 98 -27.01 -10.50 24.23
CA GLN A 98 -26.48 -9.33 24.92
C GLN A 98 -25.86 -9.72 26.26
N GLN A 99 -26.52 -10.61 27.00
CA GLN A 99 -26.09 -10.96 28.34
C GLN A 99 -25.10 -12.12 28.38
N ASP A 100 -24.94 -12.86 27.30
CA ASP A 100 -23.90 -13.88 27.22
C ASP A 100 -22.63 -13.36 26.57
N HIS A 101 -22.61 -12.10 26.16
CA HIS A 101 -21.38 -11.41 25.75
C HIS A 101 -21.38 -10.02 26.37
N PRO A 102 -21.34 -9.93 27.70
CA PRO A 102 -21.46 -8.62 28.34
C PRO A 102 -20.25 -7.73 28.16
N ASP A 103 -19.10 -8.30 27.81
CA ASP A 103 -17.87 -7.53 27.65
C ASP A 103 -17.72 -6.94 26.26
N GLN A 104 -18.60 -7.29 25.32
CA GLN A 104 -18.51 -6.80 23.96
C GLN A 104 -19.77 -6.09 23.48
N VAL A 105 -20.95 -6.51 23.94
CA VAL A 105 -22.22 -6.00 23.44
C VAL A 105 -22.73 -4.94 24.39
N LEU A 106 -22.82 -3.70 23.92
CA LEU A 106 -23.34 -2.62 24.75
C LEU A 106 -24.85 -2.72 24.89
N GLY A 107 -25.55 -3.08 23.82
CA GLY A 107 -26.99 -3.18 23.87
C GLY A 107 -27.53 -3.56 22.50
N TRP A 108 -28.83 -3.33 22.32
CA TRP A 108 -29.44 -3.48 21.00
C TRP A 108 -30.77 -2.74 20.99
N ALA A 109 -31.01 -1.98 19.93
CA ALA A 109 -32.25 -1.23 19.76
C ALA A 109 -32.80 -1.49 18.37
N GLY A 110 -34.07 -1.84 18.30
CA GLY A 110 -34.68 -2.15 17.02
C GLY A 110 -36.19 -2.08 17.10
N TYR A 111 -36.83 -2.33 15.97
CA TYR A 111 -38.29 -2.34 15.92
C TYR A 111 -38.88 -3.46 16.76
N LEU A 112 -38.23 -4.62 16.80
CA LEU A 112 -38.75 -5.74 17.58
C LEU A 112 -38.82 -5.40 19.07
N ARG A 113 -37.98 -4.46 19.52
CA ARG A 113 -37.99 -4.01 20.90
C ARG A 113 -38.98 -2.87 21.12
N ALA A 114 -38.88 -1.80 20.35
CA ALA A 114 -39.75 -0.65 20.45
C ALA A 114 -40.58 -0.53 19.18
N SER A 115 -41.91 -0.57 19.33
CA SER A 115 -42.80 -0.41 18.18
C SER A 115 -42.79 1.01 17.62
N GLN A 116 -42.22 1.97 18.34
CA GLN A 116 -42.15 3.36 17.89
C GLN A 116 -40.92 3.63 17.03
N ALA A 117 -40.40 2.61 16.36
CA ALA A 117 -39.23 2.75 15.51
C ALA A 117 -39.56 2.27 14.10
N THR A 118 -40.68 2.75 13.56
CA THR A 118 -41.17 2.31 12.25
C THR A 118 -40.18 2.54 11.12
N GLY A 119 -39.11 3.28 11.36
CA GLY A 119 -38.05 3.41 10.39
C GLY A 119 -37.08 2.26 10.35
N MET A 120 -37.30 1.26 11.20
CA MET A 120 -36.46 0.07 11.26
C MET A 120 -37.15 -1.17 10.72
N ALA A 121 -38.30 -1.00 10.06
CA ALA A 121 -39.01 -2.11 9.45
C ALA A 121 -39.61 -1.63 8.13
N THR A 122 -39.57 -2.48 7.12
CA THR A 122 -40.04 -2.10 5.80
C THR A 122 -41.56 -1.93 5.80
N ALA A 123 -42.06 -1.22 4.78
CA ALA A 123 -43.47 -0.88 4.73
C ALA A 123 -44.36 -2.11 4.60
N ASP A 124 -43.85 -3.16 3.95
CA ASP A 124 -44.62 -4.40 3.84
C ASP A 124 -44.45 -5.30 5.06
N LYS A 125 -43.61 -4.91 6.02
CA LYS A 125 -43.37 -5.67 7.24
C LYS A 125 -42.89 -7.09 6.90
N LYS A 126 -41.76 -7.15 6.20
CA LYS A 126 -41.13 -8.44 5.93
C LYS A 126 -39.63 -8.40 6.12
N TYR A 127 -39.04 -7.25 6.42
CA TYR A 127 -37.64 -7.15 6.77
C TYR A 127 -37.53 -6.17 7.92
N THR A 128 -36.64 -6.47 8.87
CA THR A 128 -36.39 -5.57 9.97
C THR A 128 -34.96 -5.77 10.43
N PHE A 129 -34.42 -4.76 11.11
CA PHE A 129 -33.05 -4.83 11.59
C PHE A 129 -32.95 -4.22 12.97
N VAL A 130 -31.95 -4.65 13.71
CA VAL A 130 -31.63 -4.08 15.03
C VAL A 130 -30.17 -3.66 15.00
N SER A 131 -29.87 -2.63 15.78
CA SER A 131 -28.51 -2.09 15.86
C SER A 131 -27.87 -2.58 17.15
N ILE A 132 -26.71 -3.22 17.03
CA ILE A 132 -26.00 -3.71 18.20
C ILE A 132 -24.77 -2.83 18.45
N PRO A 133 -24.81 -1.94 19.43
CA PRO A 133 -23.59 -1.22 19.80
C PRO A 133 -22.57 -2.15 20.42
N LEU A 134 -21.30 -1.81 20.22
CA LEU A 134 -20.19 -2.60 20.71
C LEU A 134 -19.35 -1.79 21.69
N LYS A 135 -18.96 -2.40 22.80
CA LYS A 135 -18.10 -1.74 23.76
C LYS A 135 -16.71 -1.56 23.19
N GLY A 136 -16.03 -0.51 23.64
CA GLY A 136 -14.70 -0.21 23.17
C GLY A 136 -14.49 1.26 22.91
N ASP A 137 -13.44 1.84 23.49
CA ASP A 137 -13.15 3.26 23.33
C ASP A 137 -12.16 3.53 22.20
N ASP A 138 -11.71 2.50 21.50
CA ASP A 138 -10.79 2.64 20.38
C ASP A 138 -11.33 1.83 19.21
N ASP A 139 -11.02 2.27 18.00
CA ASP A 139 -11.56 1.60 16.81
C ASP A 139 -11.08 0.16 16.71
N ASP A 140 -9.80 -0.08 16.98
CA ASP A 140 -9.29 -1.44 16.94
C ASP A 140 -9.84 -2.29 18.08
N THR A 141 -10.07 -1.69 19.25
CA THR A 141 -10.72 -2.42 20.33
C THR A 141 -12.13 -2.84 19.93
N ILE A 142 -12.87 -1.94 19.27
CA ILE A 142 -14.21 -2.28 18.81
C ILE A 142 -14.16 -3.39 17.77
N LEU A 143 -13.19 -3.32 16.85
CA LEU A 143 -13.06 -4.37 15.85
C LEU A 143 -12.75 -5.72 16.49
N ASN A 144 -11.85 -5.74 17.47
CA ASN A 144 -11.54 -7.00 18.16
C ASN A 144 -12.74 -7.51 18.93
N ASN A 145 -13.51 -6.62 19.55
CA ASN A 145 -14.72 -7.02 20.25
C ASN A 145 -15.72 -7.64 19.27
N TYR A 146 -15.84 -7.07 18.08
CA TYR A 146 -16.73 -7.65 17.09
C TYR A 146 -16.23 -9.01 16.61
N LYS A 147 -14.91 -9.14 16.44
CA LYS A 147 -14.36 -10.42 16.02
C LYS A 147 -14.59 -11.50 17.07
N ALA A 148 -14.61 -11.10 18.34
CA ALA A 148 -14.84 -12.06 19.42
C ALA A 148 -16.27 -12.59 19.47
N ILE A 149 -17.21 -11.93 18.78
CA ILE A 149 -18.61 -12.35 18.82
C ILE A 149 -19.18 -12.68 17.45
N ALA A 150 -18.45 -12.41 16.37
CA ALA A 150 -19.01 -12.62 15.03
C ALA A 150 -19.41 -14.06 14.76
N PRO A 151 -18.60 -15.09 15.07
CA PRO A 151 -19.06 -16.46 14.80
C PRO A 151 -20.32 -16.82 15.54
N ASP A 152 -20.54 -16.30 16.75
CA ASP A 152 -21.74 -16.60 17.50
C ASP A 152 -22.89 -15.65 17.16
N LEU A 153 -22.60 -14.53 16.51
CA LEU A 153 -23.64 -13.59 16.12
C LEU A 153 -24.41 -14.08 14.91
N GLN A 154 -23.72 -14.73 13.97
CA GLN A 154 -24.36 -15.18 12.74
C GLN A 154 -25.35 -16.31 12.98
N ARG A 155 -25.25 -17.00 14.11
CA ARG A 155 -26.15 -18.11 14.41
C ARG A 155 -27.54 -17.67 14.85
N LEU A 156 -27.76 -16.37 15.04
CA LEU A 156 -29.08 -15.89 15.43
C LEU A 156 -30.10 -16.20 14.33
N ASP A 157 -31.32 -16.51 14.76
CA ASP A 157 -32.46 -16.85 13.90
C ASP A 157 -32.28 -18.19 13.20
N GLY A 158 -31.15 -18.86 13.38
CA GLY A 158 -30.86 -20.08 12.67
C GLY A 158 -30.00 -19.91 11.44
N GLY A 159 -29.09 -18.94 11.44
CA GLY A 159 -28.29 -18.65 10.27
C GLY A 159 -28.96 -17.76 9.25
N THR A 160 -30.22 -17.39 9.46
CA THR A 160 -30.94 -16.56 8.50
C THR A 160 -30.50 -15.10 8.56
N VAL A 161 -30.02 -14.65 9.73
CA VAL A 161 -29.71 -13.24 9.90
C VAL A 161 -28.58 -12.82 8.96
N LYS A 162 -28.62 -11.56 8.53
CA LYS A 162 -27.60 -10.98 7.68
CA LYS A 162 -27.60 -10.98 7.68
C LYS A 162 -26.98 -9.79 8.38
N LEU A 163 -25.67 -9.83 8.58
CA LEU A 163 -24.98 -8.78 9.31
C LEU A 163 -24.42 -7.73 8.34
N ALA A 164 -24.55 -6.48 8.74
CA ALA A 164 -24.00 -5.36 7.98
C ALA A 164 -23.61 -4.28 8.96
N GLY A 165 -22.97 -3.23 8.44
CA GLY A 165 -22.60 -2.11 9.28
C GLY A 165 -21.13 -1.80 9.21
N LEU A 166 -20.65 -0.98 10.15
CA LEU A 166 -19.26 -0.57 10.16
C LEU A 166 -18.31 -1.71 10.50
N GLN A 167 -18.68 -2.57 11.45
CA GLN A 167 -17.78 -3.61 11.93
C GLN A 167 -17.75 -4.83 11.02
N PRO A 168 -18.88 -5.35 10.52
CA PRO A 168 -18.77 -6.44 9.53
C PRO A 168 -17.99 -6.04 8.29
N VAL A 169 -18.16 -4.81 7.81
CA VAL A 169 -17.43 -4.37 6.64
C VAL A 169 -15.94 -4.21 6.96
N ALA A 170 -15.63 -3.69 8.15
CA ALA A 170 -14.23 -3.57 8.56
C ALA A 170 -13.58 -4.94 8.68
N GLU A 171 -14.31 -5.91 9.25
CA GLU A 171 -13.78 -7.26 9.37
C GLU A 171 -13.54 -7.87 8.00
N ALA A 172 -14.47 -7.67 7.07
CA ALA A 172 -14.28 -8.18 5.71
C ALA A 172 -13.08 -7.53 5.04
N LEU A 173 -12.91 -6.22 5.23
CA LEU A 173 -11.78 -5.50 4.63
C LEU A 173 -10.44 -5.94 5.20
N THR A 174 -10.32 -6.10 6.51
CA THR A 174 -9.09 -6.56 7.12
C THR A 174 -8.92 -8.07 7.05
N GLY A 175 -9.99 -8.80 6.76
CA GLY A 175 -9.89 -10.25 6.62
C GLY A 175 -9.38 -10.71 5.28
N THR A 176 -9.22 -9.80 4.32
CA THR A 176 -8.64 -10.14 3.03
C THR A 176 -7.12 -10.23 3.08
N ILE A 177 -6.50 -9.75 4.16
CA ILE A 177 -5.05 -9.84 4.27
C ILE A 177 -4.62 -11.28 4.50
N ALA A 178 -5.31 -12.01 5.37
CA ALA A 178 -4.97 -13.41 5.60
C ALA A 178 -5.20 -14.26 4.35
N THR A 179 -6.29 -14.00 3.63
CA THR A 179 -6.56 -14.74 2.40
C THR A 179 -5.48 -14.45 1.36
N ASP A 180 -5.04 -13.19 1.27
CA ASP A 180 -3.98 -12.85 0.33
C ASP A 180 -2.69 -13.58 0.65
N GLN A 181 -2.33 -13.64 1.93
CA GLN A 181 -1.10 -14.34 2.32
C GLN A 181 -1.22 -15.84 2.08
N ARG A 182 -2.40 -16.41 2.32
CA ARG A 182 -2.60 -17.83 2.04
C ARG A 182 -2.46 -18.11 0.55
N ARG A 183 -3.09 -17.28 -0.30
CA ARG A 183 -2.96 -17.45 -1.74
C ARG A 183 -1.51 -17.31 -2.17
N MET A 184 -0.80 -16.33 -1.62
CA MET A 184 0.61 -16.17 -1.91
C MET A 184 1.38 -17.43 -1.56
N GLU A 185 1.26 -17.91 -0.33
CA GLU A 185 2.02 -19.06 0.13
C GLU A 185 1.71 -20.32 -0.66
N VAL A 186 0.48 -20.48 -1.17
CA VAL A 186 0.12 -21.72 -1.85
C VAL A 186 0.17 -21.62 -3.36
N LEU A 187 0.36 -20.42 -3.93
CA LEU A 187 0.39 -20.29 -5.38
C LEU A 187 1.62 -19.61 -5.93
N ALA A 188 2.18 -18.60 -5.27
CA ALA A 188 3.32 -17.86 -5.81
C ALA A 188 4.65 -18.44 -5.38
N LEU A 189 4.76 -18.84 -4.11
CA LEU A 189 6.01 -19.43 -3.63
C LEU A 189 6.39 -20.69 -4.41
N PRO A 190 5.50 -21.67 -4.62
CA PRO A 190 5.91 -22.81 -5.47
C PRO A 190 6.14 -22.42 -6.92
N LEU A 191 5.35 -21.49 -7.45
CA LEU A 191 5.56 -21.04 -8.82
C LEU A 191 6.86 -20.27 -8.97
N VAL A 192 7.21 -19.44 -8.00
CA VAL A 192 8.51 -18.79 -8.02
C VAL A 192 9.62 -19.83 -7.87
N ALA A 193 9.39 -20.88 -7.09
CA ALA A 193 10.40 -21.95 -6.99
C ALA A 193 10.62 -22.63 -8.33
N VAL A 194 9.53 -22.88 -9.08
CA VAL A 194 9.68 -23.50 -10.39
C VAL A 194 10.38 -22.56 -11.35
N VAL A 195 10.07 -21.26 -11.29
CA VAL A 195 10.78 -20.30 -12.14
C VAL A 195 12.26 -20.29 -11.82
N LEU A 196 12.61 -20.30 -10.54
CA LEU A 196 14.01 -20.33 -10.12
C LEU A 196 14.70 -21.61 -10.55
N PHE A 197 13.99 -22.74 -10.50
CA PHE A 197 14.58 -23.99 -10.97
C PHE A 197 14.83 -23.94 -12.46
N PHE A 198 13.94 -23.31 -13.23
CA PHE A 198 14.15 -23.23 -14.66
C PHE A 198 15.26 -22.27 -15.04
N VAL A 199 15.44 -21.18 -14.28
CA VAL A 199 16.49 -20.24 -14.63
C VAL A 199 17.87 -20.72 -14.21
N PHE A 200 17.96 -21.57 -13.17
CA PHE A 200 19.24 -22.05 -12.66
C PHE A 200 19.54 -23.49 -13.07
N GLY A 201 18.62 -24.41 -12.84
CA GLY A 201 18.82 -25.80 -13.19
C GLY A 201 19.12 -26.72 -12.03
N GLY A 202 19.16 -26.21 -10.80
CA GLY A 202 19.39 -27.04 -9.64
C GLY A 202 18.51 -26.61 -8.49
N VAL A 203 18.29 -27.55 -7.57
CA VAL A 203 17.46 -27.24 -6.40
C VAL A 203 18.25 -26.44 -5.38
N ILE A 204 19.56 -26.68 -5.25
CA ILE A 204 20.36 -25.92 -4.30
C ILE A 204 20.53 -24.48 -4.78
N ALA A 205 20.84 -24.30 -6.07
CA ALA A 205 21.00 -22.95 -6.61
C ALA A 205 19.69 -22.18 -6.56
N ALA A 206 18.58 -22.83 -6.89
CA ALA A 206 17.29 -22.16 -6.86
C ALA A 206 16.78 -21.99 -5.44
N GLY A 207 17.18 -22.86 -4.52
CA GLY A 207 16.72 -22.75 -3.15
C GLY A 207 17.24 -21.52 -2.43
N LEU A 208 18.47 -21.11 -2.74
CA LEU A 208 19.10 -20.02 -1.99
C LEU A 208 18.33 -18.71 -2.08
N PRO A 209 17.88 -18.24 -3.25
CA PRO A 209 17.02 -17.05 -3.25
C PRO A 209 15.74 -17.22 -2.46
N VAL A 210 15.15 -18.42 -2.47
CA VAL A 210 13.94 -18.66 -1.67
C VAL A 210 14.26 -18.53 -0.19
N MET A 211 15.40 -19.09 0.24
CA MET A 211 15.80 -18.99 1.63
C MET A 211 16.03 -17.53 2.04
N VAL A 212 16.69 -16.75 1.18
CA VAL A 212 16.92 -15.35 1.47
C VAL A 212 15.60 -14.60 1.56
N GLY A 213 14.68 -14.88 0.64
CA GLY A 213 13.38 -14.22 0.69
C GLY A 213 12.59 -14.56 1.95
N GLY A 214 12.61 -15.83 2.34
CA GLY A 214 11.91 -16.23 3.55
C GLY A 214 12.51 -15.60 4.80
N LEU A 215 13.85 -15.56 4.87
CA LEU A 215 14.50 -14.88 5.99
C LEU A 215 14.17 -13.40 6.00
N CYS A 216 14.11 -12.79 4.82
CA CYS A 216 13.77 -11.36 4.75
C CYS A 216 12.36 -11.10 5.24
N ILE A 217 11.39 -11.92 4.82
CA ILE A 217 10.03 -11.69 5.27
C ILE A 217 9.83 -12.06 6.74
N ALA A 218 10.64 -12.96 7.28
CA ALA A 218 10.56 -13.22 8.72
C ALA A 218 11.14 -12.06 9.52
N GLY A 219 12.33 -11.60 9.16
CA GLY A 219 12.94 -10.50 9.88
C GLY A 219 12.22 -9.19 9.73
N ALA A 220 11.65 -8.92 8.55
CA ALA A 220 10.89 -7.69 8.36
C ALA A 220 9.62 -7.69 9.19
N LEU A 221 8.94 -8.83 9.29
CA LEU A 221 7.79 -8.93 10.17
C LEU A 221 8.20 -8.75 11.62
N GLY A 222 9.34 -9.29 12.01
CA GLY A 222 9.84 -9.05 13.36
C GLY A 222 10.12 -7.58 13.62
N ILE A 223 10.74 -6.90 12.65
CA ILE A 223 11.03 -5.47 12.79
C ILE A 223 9.73 -4.68 12.90
N MET A 224 8.75 -5.01 12.06
CA MET A 224 7.47 -4.31 12.11
C MET A 224 6.77 -4.53 13.45
N ARG A 225 6.83 -5.75 13.98
CA ARG A 225 6.26 -6.00 15.31
C ARG A 225 7.00 -5.19 16.37
N PHE A 226 8.31 -5.05 16.23
CA PHE A 226 9.06 -4.20 17.15
C PHE A 226 8.62 -2.75 17.04
N LEU A 227 8.36 -2.28 15.82
CA LEU A 227 7.91 -0.90 15.63
C LEU A 227 6.51 -0.69 16.19
N ALA A 228 5.68 -1.73 16.19
CA ALA A 228 4.34 -1.62 16.74
C ALA A 228 4.32 -1.43 18.25
N ILE A 229 5.45 -1.61 18.92
CA ILE A 229 5.52 -1.34 20.35
C ILE A 229 5.39 0.15 20.61
N PHE A 230 5.98 0.98 19.76
CA PHE A 230 6.00 2.43 19.98
C PHE A 230 4.82 3.12 19.33
N GLY A 231 4.70 3.01 18.01
CA GLY A 231 3.64 3.69 17.29
C GLY A 231 2.66 2.74 16.67
N PRO A 232 1.72 3.27 15.89
CA PRO A 232 0.75 2.42 15.20
C PRO A 232 1.28 1.89 13.87
N VAL A 233 0.95 0.63 13.61
CA VAL A 233 1.33 -0.04 12.37
C VAL A 233 0.05 -0.45 11.65
N HIS A 234 -0.06 -0.07 10.38
CA HIS A 234 -1.29 -0.31 9.64
C HIS A 234 -1.41 -1.77 9.24
N TYR A 235 -2.63 -2.14 8.83
CA TYR A 235 -2.87 -3.49 8.36
C TYR A 235 -2.11 -3.78 7.07
N PHE A 236 -2.00 -2.77 6.20
CA PHE A 236 -1.30 -2.92 4.93
C PHE A 236 0.19 -3.14 5.09
N ALA A 237 0.73 -3.09 6.31
CA ALA A 237 2.17 -3.25 6.48
C ALA A 237 2.62 -4.64 6.02
N GLN A 238 1.86 -5.67 6.36
CA GLN A 238 2.32 -7.03 6.08
C GLN A 238 2.15 -7.46 4.62
N PRO A 239 1.10 -7.09 3.88
CA PRO A 239 1.10 -7.42 2.45
C PRO A 239 2.25 -6.77 1.70
N VAL A 240 2.59 -5.54 2.06
CA VAL A 240 3.71 -4.86 1.41
C VAL A 240 5.03 -5.51 1.82
N VAL A 241 5.13 -5.97 3.06
CA VAL A 241 6.32 -6.73 3.47
C VAL A 241 6.44 -7.99 2.63
N SER A 242 5.32 -8.67 2.38
CA SER A 242 5.38 -9.87 1.53
C SER A 242 5.83 -9.52 0.12
N LEU A 243 5.21 -8.48 -0.47
CA LEU A 243 5.61 -8.04 -1.81
C LEU A 243 7.10 -7.78 -1.89
N ILE A 244 7.61 -6.95 -0.97
CA ILE A 244 8.99 -6.46 -1.07
C ILE A 244 10.00 -7.44 -0.48
N GLY A 245 9.54 -8.48 0.18
CA GLY A 245 10.45 -9.48 0.69
C GLY A 245 10.43 -10.76 -0.11
N LEU A 246 9.54 -10.83 -1.10
CA LEU A 246 9.59 -11.95 -2.03
C LEU A 246 9.74 -11.53 -3.49
N GLY A 247 9.65 -10.25 -3.81
CA GLY A 247 9.99 -9.84 -5.15
C GLY A 247 11.44 -9.38 -5.26
N ILE A 248 11.80 -8.36 -4.49
CA ILE A 248 13.15 -7.83 -4.64
C ILE A 248 14.14 -8.60 -3.77
N ALA A 249 13.69 -9.14 -2.63
CA ALA A 249 14.57 -10.01 -1.86
C ALA A 249 14.93 -11.27 -2.61
N ILE A 250 14.12 -11.66 -3.60
CA ILE A 250 14.47 -12.78 -4.45
C ILE A 250 15.21 -12.32 -5.71
N ASP A 251 14.93 -11.11 -6.19
CA ASP A 251 15.74 -10.55 -7.28
C ASP A 251 17.20 -10.41 -6.86
N TYR A 252 17.44 -9.91 -5.65
CA TYR A 252 18.81 -9.73 -5.19
C TYR A 252 19.54 -11.05 -5.10
N GLY A 253 18.87 -12.08 -4.57
CA GLY A 253 19.45 -13.40 -4.55
C GLY A 253 19.70 -13.94 -5.94
N LEU A 254 18.77 -13.71 -6.86
CA LEU A 254 18.97 -14.10 -8.25
C LEU A 254 20.25 -13.50 -8.81
N PHE A 255 20.40 -12.19 -8.68
CA PHE A 255 21.56 -11.53 -9.26
C PHE A 255 22.85 -12.01 -8.62
N ILE A 256 22.87 -12.14 -7.28
CA ILE A 256 24.12 -12.51 -6.62
C ILE A 256 24.48 -13.96 -6.91
N VAL A 257 23.50 -14.86 -6.88
CA VAL A 257 23.79 -16.27 -7.17
C VAL A 257 24.23 -16.44 -8.62
N SER A 258 23.58 -15.72 -9.54
CA SER A 258 23.98 -15.80 -10.93
C SER A 258 25.39 -15.27 -11.13
N ARG A 259 25.73 -14.18 -10.46
CA ARG A 259 27.09 -13.65 -10.57
C ARG A 259 28.11 -14.62 -10.00
N PHE A 260 27.78 -15.27 -8.89
CA PHE A 260 28.70 -16.26 -8.32
C PHE A 260 28.90 -17.43 -9.28
N ARG A 261 27.82 -17.92 -9.89
CA ARG A 261 27.95 -19.02 -10.83
C ARG A 261 28.71 -18.58 -12.08
N GLU A 262 28.58 -17.32 -12.48
CA GLU A 262 29.36 -16.79 -13.59
C GLU A 262 30.84 -16.75 -13.25
N GLU A 263 31.18 -16.31 -12.03
CA GLU A 263 32.59 -16.23 -11.64
C GLU A 263 33.20 -17.61 -11.44
N ILE A 264 32.41 -18.58 -10.98
CA ILE A 264 32.92 -19.94 -10.83
C ILE A 264 33.27 -20.53 -12.21
N ALA A 265 32.47 -20.21 -13.22
CA ALA A 265 32.71 -20.75 -14.55
C ALA A 265 34.00 -20.21 -15.15
N GLU A 266 34.41 -19.02 -14.75
CA GLU A 266 35.66 -18.45 -15.26
C GLU A 266 36.89 -19.18 -14.74
N GLY A 267 36.74 -20.06 -13.76
CA GLY A 267 37.86 -20.77 -13.17
C GLY A 267 38.34 -20.21 -11.85
N TYR A 268 37.69 -19.18 -11.34
CA TYR A 268 38.08 -18.59 -10.05
C TYR A 268 37.71 -19.52 -8.92
N ASP A 269 38.64 -19.73 -7.99
CA ASP A 269 38.36 -20.59 -6.85
C ASP A 269 37.31 -19.96 -5.96
N THR A 270 36.92 -20.70 -4.92
CA THR A 270 35.74 -20.32 -4.13
C THR A 270 35.90 -18.96 -3.48
N GLU A 271 37.07 -18.70 -2.87
CA GLU A 271 37.26 -17.43 -2.18
C GLU A 271 37.29 -16.27 -3.16
N THR A 272 38.02 -16.41 -4.28
CA THR A 272 38.08 -15.35 -5.26
C THR A 272 36.71 -15.10 -5.89
N ALA A 273 35.97 -16.18 -6.16
CA ALA A 273 34.63 -16.02 -6.71
C ALA A 273 33.74 -15.25 -5.75
N VAL A 274 33.82 -15.55 -4.45
CA VAL A 274 33.02 -14.84 -3.46
C VAL A 274 33.42 -13.37 -3.40
N ARG A 275 34.73 -13.09 -3.40
CA ARG A 275 35.17 -11.71 -3.35
C ARG A 275 34.67 -10.92 -4.56
N ARG A 276 34.80 -11.51 -5.75
CA ARG A 276 34.40 -10.79 -6.96
C ARG A 276 32.89 -10.62 -7.04
N THR A 277 32.13 -11.66 -6.68
CA THR A 277 30.68 -11.51 -6.71
C THR A 277 30.21 -10.50 -5.68
N VAL A 278 30.88 -10.41 -4.52
CA VAL A 278 30.58 -9.31 -3.61
C VAL A 278 30.85 -7.98 -4.29
N ILE A 279 32.11 -7.74 -4.66
CA ILE A 279 32.57 -6.49 -5.26
C ILE A 279 31.60 -5.98 -6.31
N THR A 280 31.10 -6.86 -7.17
CA THR A 280 30.21 -6.38 -8.22
C THR A 280 28.72 -6.47 -7.85
N ALA A 281 28.22 -7.69 -7.64
CA ALA A 281 26.80 -7.88 -7.48
C ALA A 281 26.30 -7.35 -6.14
N GLY A 282 27.07 -7.55 -5.07
CA GLY A 282 26.65 -7.03 -3.78
C GLY A 282 26.64 -5.52 -3.76
N ARG A 283 27.59 -4.90 -4.45
CA ARG A 283 27.58 -3.45 -4.59
C ARG A 283 26.34 -2.98 -5.35
N THR A 284 26.01 -3.66 -6.44
CA THR A 284 24.81 -3.30 -7.20
C THR A 284 23.56 -3.47 -6.35
N VAL A 285 23.48 -4.56 -5.59
CA VAL A 285 22.32 -4.82 -4.74
C VAL A 285 22.21 -3.77 -3.64
N THR A 286 23.33 -3.41 -3.03
CA THR A 286 23.32 -2.39 -1.99
C THR A 286 22.84 -1.05 -2.54
N PHE A 287 23.32 -0.69 -3.73
CA PHE A 287 22.88 0.57 -4.32
C PHE A 287 21.41 0.54 -4.70
N SER A 288 20.92 -0.60 -5.17
CA SER A 288 19.49 -0.72 -5.46
C SER A 288 18.67 -0.56 -4.19
N ALA A 289 19.12 -1.16 -3.09
CA ALA A 289 18.38 -1.06 -1.84
C ALA A 289 18.37 0.38 -1.32
N VAL A 290 19.51 1.05 -1.36
CA VAL A 290 19.54 2.44 -0.88
C VAL A 290 18.75 3.33 -1.84
N LEU A 291 18.65 2.95 -3.11
CA LEU A 291 17.80 3.71 -4.03
C LEU A 291 16.33 3.57 -3.67
N ILE A 292 15.90 2.35 -3.31
CA ILE A 292 14.53 2.19 -2.82
C ILE A 292 14.31 3.01 -1.58
N VAL A 293 15.26 2.97 -0.65
CA VAL A 293 15.13 3.74 0.59
C VAL A 293 14.98 5.22 0.28
N ALA A 294 15.80 5.73 -0.65
CA ALA A 294 15.70 7.14 -1.02
C ALA A 294 14.37 7.46 -1.68
N SER A 295 13.87 6.55 -2.52
CA SER A 295 12.58 6.78 -3.17
C SER A 295 11.44 6.81 -2.17
N ALA A 296 11.47 5.91 -1.19
CA ALA A 296 10.37 5.77 -0.25
C ALA A 296 10.55 6.59 1.02
N ILE A 297 11.68 7.27 1.19
CA ILE A 297 11.86 8.06 2.39
C ILE A 297 11.05 9.35 2.33
N GLY A 298 10.78 9.85 1.12
CA GLY A 298 9.98 11.05 0.99
C GLY A 298 8.58 10.91 1.54
N LEU A 299 8.07 9.68 1.62
CA LEU A 299 6.76 9.46 2.21
C LEU A 299 6.73 9.80 3.70
N LEU A 300 7.89 9.94 4.34
CA LEU A 300 7.92 10.32 5.74
C LEU A 300 7.41 11.74 5.97
N LEU A 301 7.41 12.58 4.94
CA LEU A 301 6.92 13.94 5.08
C LEU A 301 5.40 14.01 5.14
N PHE A 302 4.72 13.03 4.57
CA PHE A 302 3.27 13.04 4.55
C PHE A 302 2.73 12.76 5.96
N PRO A 303 1.64 13.44 6.35
CA PRO A 303 1.15 13.29 7.73
C PRO A 303 0.28 12.06 7.97
N GLN A 304 -0.09 11.32 6.93
CA GLN A 304 -0.93 10.15 7.11
C GLN A 304 -0.17 9.07 7.87
N GLY A 305 -0.79 8.53 8.92
CA GLY A 305 -0.17 7.45 9.67
C GLY A 305 -0.09 6.15 8.89
N PHE A 306 -0.93 6.00 7.86
CA PHE A 306 -0.80 4.85 6.97
C PHE A 306 0.53 4.87 6.24
N LEU A 307 0.85 6.00 5.60
CA LEU A 307 2.07 6.08 4.81
C LEU A 307 3.31 6.00 5.69
N LYS A 308 3.25 6.60 6.89
CA LYS A 308 4.41 6.55 7.78
C LYS A 308 4.74 5.14 8.25
N SER A 309 3.77 4.23 8.22
CA SER A 309 4.03 2.84 8.58
C SER A 309 4.38 2.00 7.37
N LEU A 310 3.75 2.26 6.22
CA LEU A 310 4.11 1.54 5.01
C LEU A 310 5.53 1.86 4.57
N THR A 311 5.97 3.11 4.75
CA THR A 311 7.35 3.43 4.41
C THR A 311 8.33 2.76 5.36
N TYR A 312 7.97 2.63 6.64
CA TYR A 312 8.81 1.87 7.56
C TYR A 312 8.90 0.42 7.13
N ALA A 313 7.78 -0.18 6.75
CA ALA A 313 7.79 -1.56 6.29
C ALA A 313 8.66 -1.72 5.06
N THR A 314 8.52 -0.82 4.09
CA THR A 314 9.32 -0.90 2.88
C THR A 314 10.81 -0.75 3.19
N ILE A 315 11.17 0.23 4.01
CA ILE A 315 12.58 0.47 4.31
C ILE A 315 13.17 -0.73 5.04
N ALA A 316 12.45 -1.25 6.04
CA ALA A 316 12.95 -2.39 6.78
C ALA A 316 13.12 -3.60 5.88
N SER A 317 12.12 -3.88 5.03
CA SER A 317 12.20 -5.05 4.17
C SER A 317 13.36 -4.94 3.17
N VAL A 318 13.53 -3.77 2.55
CA VAL A 318 14.58 -3.64 1.55
C VAL A 318 15.97 -3.67 2.20
N MET A 319 16.12 -3.01 3.35
CA MET A 319 17.41 -3.03 4.02
C MET A 319 17.76 -4.43 4.49
N LEU A 320 16.78 -5.16 5.03
CA LEU A 320 17.05 -6.53 5.45
C LEU A 320 17.37 -7.43 4.27
N SER A 321 16.66 -7.24 3.15
CA SER A 321 16.95 -8.04 1.96
C SER A 321 18.37 -7.79 1.47
N ALA A 322 18.78 -6.53 1.42
CA ALA A 322 20.14 -6.22 0.99
C ALA A 322 21.17 -6.78 1.96
N ILE A 323 20.95 -6.60 3.26
CA ILE A 323 21.91 -7.09 4.24
C ILE A 323 22.04 -8.60 4.17
N LEU A 324 20.90 -9.30 4.04
CA LEU A 324 20.93 -10.73 3.83
C LEU A 324 21.71 -11.09 2.57
N SER A 325 21.41 -10.44 1.45
CA SER A 325 22.02 -10.79 0.19
C SER A 325 23.52 -10.55 0.18
N ILE A 326 24.01 -9.62 1.00
CA ILE A 326 25.45 -9.36 1.05
C ILE A 326 26.14 -10.03 2.23
N THR A 327 25.40 -10.62 3.17
CA THR A 327 26.00 -11.26 4.33
C THR A 327 25.83 -12.77 4.31
N VAL A 328 24.58 -13.25 4.26
CA VAL A 328 24.33 -14.69 4.37
C VAL A 328 24.56 -15.37 3.04
N LEU A 329 24.02 -14.82 1.96
CA LEU A 329 24.13 -15.45 0.65
C LEU A 329 25.58 -15.61 0.21
N PRO A 330 26.47 -14.61 0.33
CA PRO A 330 27.88 -14.88 0.02
C PRO A 330 28.48 -15.96 0.90
N ALA A 331 28.09 -16.03 2.17
CA ALA A 331 28.57 -17.11 3.03
C ALA A 331 28.01 -18.45 2.59
N CYS A 332 26.72 -18.49 2.24
CA CYS A 332 26.12 -19.72 1.75
C CYS A 332 26.84 -20.21 0.51
N LEU A 333 27.21 -19.30 -0.39
CA LEU A 333 27.92 -19.69 -1.60
C LEU A 333 29.36 -20.08 -1.32
N GLY A 334 30.00 -19.43 -0.35
CA GLY A 334 31.36 -19.80 0.00
C GLY A 334 31.45 -21.18 0.61
N ILE A 335 30.46 -21.55 1.44
CA ILE A 335 30.42 -22.90 1.98
C ILE A 335 30.19 -23.91 0.87
N LEU A 336 29.23 -23.63 -0.01
CA LEU A 336 28.87 -24.59 -1.06
C LEU A 336 30.01 -24.78 -2.05
N GLY A 337 30.57 -23.69 -2.58
CA GLY A 337 31.61 -23.79 -3.57
C GLY A 337 31.08 -24.21 -4.92
N LYS A 338 31.79 -25.14 -5.58
CA LYS A 338 31.36 -25.65 -6.88
C LYS A 338 30.20 -26.60 -6.80
N HIS A 339 29.56 -26.76 -5.64
CA HIS A 339 28.46 -27.70 -5.49
C HIS A 339 27.10 -27.03 -5.57
N VAL A 340 27.04 -25.77 -6.02
CA VAL A 340 25.74 -25.14 -6.27
C VAL A 340 25.02 -25.88 -7.38
N ASP A 341 25.75 -26.55 -8.26
CA ASP A 341 25.16 -27.37 -9.32
C ASP A 341 24.82 -28.73 -8.74
N ALA A 342 23.70 -28.78 -8.01
CA ALA A 342 23.24 -30.02 -7.39
C ALA A 342 21.73 -29.99 -7.14
N GLU A 378 30.99 -15.46 -24.19
CA GLU A 378 31.04 -14.88 -25.53
C GLU A 378 29.92 -15.43 -26.39
N GLU A 379 29.08 -16.29 -25.81
CA GLU A 379 27.90 -16.79 -26.48
C GLU A 379 26.62 -16.11 -26.05
N VAL A 380 26.60 -15.51 -24.86
CA VAL A 380 25.45 -14.71 -24.45
C VAL A 380 25.37 -13.45 -25.29
N GLU A 381 26.52 -12.86 -25.63
CA GLU A 381 26.55 -11.66 -26.45
C GLU A 381 26.46 -11.96 -27.94
N ALA A 382 26.51 -13.24 -28.33
CA ALA A 382 26.34 -13.64 -29.72
C ALA A 382 25.05 -14.40 -29.95
N GLY A 383 24.18 -14.49 -28.94
CA GLY A 383 22.95 -15.25 -29.06
C GLY A 383 21.77 -14.41 -29.50
N PHE A 384 20.73 -14.37 -28.69
CA PHE A 384 19.55 -13.56 -28.97
C PHE A 384 19.62 -12.19 -28.32
N TRP A 385 20.08 -12.11 -27.07
CA TRP A 385 20.11 -10.83 -26.38
C TRP A 385 21.19 -9.93 -26.96
N GLY A 386 22.26 -10.49 -27.49
CA GLY A 386 23.28 -9.69 -28.13
C GLY A 386 22.96 -9.32 -29.57
N LYS A 387 21.96 -9.94 -30.16
CA LYS A 387 21.53 -9.61 -31.52
C LYS A 387 20.33 -8.69 -31.54
N LEU A 388 19.55 -8.63 -30.46
CA LEU A 388 18.49 -7.62 -30.38
C LEU A 388 19.09 -6.23 -30.23
N VAL A 389 20.01 -6.07 -29.27
CA VAL A 389 20.74 -4.82 -29.19
C VAL A 389 21.99 -4.98 -30.06
N ASN A 390 21.74 -5.13 -31.35
CA ASN A 390 22.64 -4.81 -32.44
C ASN A 390 21.88 -4.25 -33.61
N ARG A 391 20.56 -4.48 -33.64
CA ARG A 391 19.61 -3.76 -34.45
C ARG A 391 19.04 -2.55 -33.72
N VAL A 392 18.94 -2.63 -32.39
CA VAL A 392 18.49 -1.47 -31.63
C VAL A 392 19.46 -0.31 -31.80
N MET A 393 20.77 -0.58 -31.73
CA MET A 393 21.75 0.49 -31.85
C MET A 393 22.12 0.81 -33.30
N LYS A 394 21.56 0.09 -34.28
CA LYS A 394 21.84 0.41 -35.67
C LYS A 394 20.84 1.40 -36.25
N ARG A 395 19.61 1.39 -35.75
CA ARG A 395 18.58 2.38 -36.10
C ARG A 395 17.92 2.83 -34.81
N PRO A 396 18.61 3.64 -34.00
CA PRO A 396 18.14 3.89 -32.64
C PRO A 396 16.96 4.83 -32.55
N VAL A 397 16.76 5.72 -33.52
CA VAL A 397 15.60 6.61 -33.48
C VAL A 397 14.32 5.82 -33.70
N LEU A 398 14.34 4.85 -34.62
CA LEU A 398 13.16 4.06 -34.92
C LEU A 398 12.74 3.17 -33.76
N PHE A 399 13.62 2.90 -32.82
CA PHE A 399 13.31 2.06 -31.67
C PHE A 399 13.09 2.86 -30.40
N ALA A 400 13.25 4.18 -30.45
CA ALA A 400 13.02 5.03 -29.29
C ALA A 400 11.91 6.04 -29.48
N ALA A 401 11.82 6.69 -30.64
CA ALA A 401 10.74 7.63 -30.86
C ALA A 401 9.38 6.97 -30.84
N PRO A 402 9.13 5.86 -31.56
CA PRO A 402 7.81 5.22 -31.43
C PRO A 402 7.50 4.78 -30.01
N ILE A 403 8.50 4.35 -29.25
CA ILE A 403 8.24 3.88 -27.89
C ILE A 403 7.93 5.03 -26.96
N VAL A 404 8.66 6.14 -27.07
CA VAL A 404 8.32 7.28 -26.22
C VAL A 404 6.97 7.84 -26.62
N ILE A 405 6.60 7.77 -27.90
CA ILE A 405 5.28 8.22 -28.33
C ILE A 405 4.20 7.34 -27.72
N ILE A 406 4.36 6.01 -27.84
CA ILE A 406 3.35 5.09 -27.33
C ILE A 406 3.38 4.99 -25.81
N MET A 407 4.42 5.51 -25.18
CA MET A 407 4.53 5.52 -23.73
C MET A 407 4.10 6.84 -23.12
N ILE A 408 3.99 7.89 -23.93
CA ILE A 408 3.37 9.14 -23.50
C ILE A 408 1.85 9.04 -23.66
N LEU A 409 1.39 8.40 -24.73
CA LEU A 409 -0.04 8.20 -24.93
C LEU A 409 -0.66 7.35 -23.83
N LEU A 410 0.15 6.55 -23.13
CA LEU A 410 -0.34 5.81 -21.97
C LEU A 410 -0.50 6.70 -20.75
N ILE A 411 0.02 7.92 -20.79
CA ILE A 411 -0.14 8.83 -19.67
C ILE A 411 -1.47 9.56 -19.75
N ILE A 412 -2.03 9.72 -20.95
CA ILE A 412 -3.26 10.49 -21.16
C ILE A 412 -4.41 10.05 -20.26
N PRO A 413 -4.64 8.75 -20.02
CA PRO A 413 -5.79 8.36 -19.18
C PRO A 413 -5.75 8.91 -17.76
N VAL A 414 -4.59 9.30 -17.22
CA VAL A 414 -4.54 9.69 -15.81
C VAL A 414 -5.32 10.97 -15.55
N GLY A 415 -5.71 11.70 -16.60
CA GLY A 415 -6.39 12.97 -16.40
C GLY A 415 -7.67 12.82 -15.61
N LYS A 416 -8.37 11.70 -15.79
CA LYS A 416 -9.59 11.41 -15.04
C LYS A 416 -9.25 10.53 -13.84
N LEU A 417 -8.51 11.12 -12.90
CA LEU A 417 -8.04 10.35 -11.75
C LEU A 417 -9.12 10.20 -10.69
N SER A 418 -9.59 11.31 -10.12
CA SER A 418 -10.75 11.33 -9.22
C SER A 418 -10.50 10.43 -8.00
N LEU A 419 -9.57 10.88 -7.16
CA LEU A 419 -9.30 10.18 -5.90
C LEU A 419 -10.55 10.11 -5.02
N GLY A 420 -10.53 9.21 -4.06
CA GLY A 420 -11.66 8.98 -3.19
C GLY A 420 -11.25 8.40 -1.86
N GLY A 421 -12.10 7.51 -1.33
CA GLY A 421 -11.89 6.95 0.00
C GLY A 421 -12.40 5.53 0.10
N ILE A 422 -12.16 4.94 1.27
CA ILE A 422 -12.52 3.54 1.49
C ILE A 422 -13.98 3.42 1.86
N SER A 423 -14.63 2.38 1.37
CA SER A 423 -16.02 2.09 1.70
C SER A 423 -16.24 0.59 1.53
N GLU A 424 -17.51 0.17 1.58
CA GLU A 424 -17.85 -1.23 1.39
C GLU A 424 -17.61 -1.69 -0.04
N LYS A 425 -17.46 -0.76 -0.98
CA LYS A 425 -17.32 -1.08 -2.39
C LYS A 425 -15.89 -1.46 -2.78
N TYR A 426 -14.98 -1.55 -1.81
CA TYR A 426 -13.62 -1.99 -2.09
C TYR A 426 -13.48 -3.51 -2.05
N LEU A 427 -14.55 -4.22 -1.82
CA LEU A 427 -14.75 -5.66 -1.81
C LEU A 427 -15.37 -6.10 -3.13
N PRO A 428 -15.13 -7.34 -3.56
CA PRO A 428 -15.69 -7.78 -4.83
C PRO A 428 -17.21 -7.82 -4.75
N PRO A 429 -17.89 -7.63 -5.88
CA PRO A 429 -19.37 -7.60 -5.85
C PRO A 429 -20.02 -8.91 -5.41
N THR A 430 -19.24 -9.96 -5.17
CA THR A 430 -19.76 -11.25 -4.72
C THR A 430 -19.25 -11.60 -3.33
N ASN A 431 -19.01 -10.59 -2.50
CA ASN A 431 -18.36 -10.81 -1.20
C ASN A 431 -19.29 -11.41 -0.16
N SER A 432 -20.61 -11.29 -0.33
CA SER A 432 -21.62 -11.79 0.59
C SER A 432 -21.67 -10.96 1.88
N VAL A 433 -20.73 -10.02 2.02
CA VAL A 433 -20.82 -8.96 3.01
C VAL A 433 -21.14 -7.63 2.37
N ARG A 434 -20.46 -7.31 1.27
CA ARG A 434 -20.86 -6.18 0.45
C ARG A 434 -22.29 -6.36 -0.06
N GLN A 435 -22.66 -7.59 -0.39
CA GLN A 435 -24.03 -7.87 -0.79
C GLN A 435 -25.01 -7.57 0.35
N ALA A 436 -24.64 -7.96 1.57
CA ALA A 436 -25.50 -7.68 2.72
C ALA A 436 -25.64 -6.18 2.94
N GLN A 437 -24.54 -5.44 2.84
CA GLN A 437 -24.60 -4.00 3.02
C GLN A 437 -25.43 -3.33 1.92
N GLU A 438 -25.28 -3.77 0.68
CA GLU A 438 -26.06 -3.20 -0.41
C GLU A 438 -27.54 -3.51 -0.25
N GLU A 439 -27.87 -4.73 0.20
CA GLU A 439 -29.27 -5.04 0.47
C GLU A 439 -29.82 -4.19 1.61
N PHE A 440 -29.00 -3.94 2.63
CA PHE A 440 -29.42 -3.04 3.70
C PHE A 440 -29.69 -1.65 3.17
N ASP A 441 -28.81 -1.13 2.32
CA ASP A 441 -29.00 0.21 1.76
C ASP A 441 -30.26 0.27 0.92
N LYS A 442 -30.52 -0.77 0.13
CA LYS A 442 -31.72 -0.80 -0.70
C LYS A 442 -32.98 -0.86 0.15
N LEU A 443 -32.97 -1.70 1.19
CA LEU A 443 -34.19 -1.91 1.98
C LEU A 443 -34.48 -0.74 2.92
N PHE A 444 -33.46 -0.18 3.55
CA PHE A 444 -33.63 0.87 4.56
C PHE A 444 -32.79 2.07 4.17
N PRO A 445 -33.24 2.84 3.17
CA PRO A 445 -32.52 4.06 2.80
C PRO A 445 -32.72 5.14 3.86
N GLY A 446 -31.70 5.97 4.02
CA GLY A 446 -31.75 7.08 4.94
C GLY A 446 -31.17 6.81 6.31
N TYR A 447 -30.95 5.54 6.67
CA TYR A 447 -30.35 5.26 7.96
C TYR A 447 -28.86 5.61 7.96
N ARG A 448 -28.15 5.24 6.90
CA ARG A 448 -26.75 5.61 6.77
C ARG A 448 -26.64 7.07 6.35
N THR A 449 -26.14 7.89 7.25
CA THR A 449 -25.90 9.30 6.97
C THR A 449 -24.41 9.57 6.94
N ASN A 450 -24.00 10.49 6.08
CA ASN A 450 -22.61 10.88 5.92
C ASN A 450 -22.54 12.39 6.09
N PRO A 451 -22.70 12.88 7.32
CA PRO A 451 -22.91 14.32 7.53
C PRO A 451 -21.63 15.11 7.66
N LEU A 452 -21.77 16.42 7.49
CA LEU A 452 -20.72 17.39 7.79
C LEU A 452 -21.06 18.03 9.12
N THR A 453 -20.08 18.11 10.02
CA THR A 453 -20.30 18.54 11.39
C THR A 453 -19.59 19.87 11.65
N LEU A 454 -20.34 20.85 12.15
CA LEU A 454 -19.77 22.11 12.61
C LEU A 454 -19.60 22.03 14.11
N VAL A 455 -18.37 22.24 14.57
CA VAL A 455 -18.04 22.14 16.00
C VAL A 455 -17.89 23.55 16.55
N ILE A 456 -18.90 24.01 17.28
CA ILE A 456 -18.92 25.33 17.88
C ILE A 456 -18.22 25.24 19.23
N GLN A 457 -17.30 26.16 19.49
CA GLN A 457 -16.41 26.05 20.63
C GLN A 457 -15.94 27.43 21.07
N THR A 458 -16.41 27.88 22.23
CA THR A 458 -15.95 29.15 22.77
C THR A 458 -14.47 29.09 23.13
N SER A 459 -13.76 30.18 22.88
CA SER A 459 -12.36 30.26 23.25
C SER A 459 -12.16 30.47 24.75
N ASN A 460 -13.21 30.90 25.46
CA ASN A 460 -13.12 31.10 26.90
C ASN A 460 -13.25 29.80 27.67
N HIS A 461 -13.77 28.75 27.03
CA HIS A 461 -14.21 27.52 27.71
C HIS A 461 -15.34 27.85 28.69
N GLN A 462 -16.39 28.44 28.13
CA GLN A 462 -17.57 28.93 28.82
C GLN A 462 -18.79 28.36 28.12
N PRO A 463 -19.91 28.18 28.83
CA PRO A 463 -21.12 27.66 28.19
C PRO A 463 -21.52 28.46 26.96
N VAL A 464 -21.61 27.78 25.81
CA VAL A 464 -21.92 28.44 24.55
C VAL A 464 -23.39 28.85 24.57
N THR A 465 -23.65 30.14 24.39
CA THR A 465 -25.02 30.64 24.43
C THR A 465 -25.81 30.10 23.25
N ASP A 466 -27.05 29.67 23.52
CA ASP A 466 -27.90 29.13 22.47
C ASP A 466 -28.16 30.14 21.36
N ALA A 467 -28.03 31.44 21.65
CA ALA A 467 -28.10 32.44 20.59
C ALA A 467 -26.89 32.36 19.67
N GLN A 468 -25.73 31.99 20.20
CA GLN A 468 -24.54 31.82 19.36
C GLN A 468 -24.71 30.65 18.40
N ILE A 469 -25.25 29.53 18.88
CA ILE A 469 -25.56 28.43 17.97
C ILE A 469 -26.58 28.86 16.94
N ALA A 470 -27.55 29.68 17.35
CA ALA A 470 -28.56 30.17 16.41
C ALA A 470 -27.92 31.00 15.31
N ASP A 471 -26.99 31.89 15.67
CA ASP A 471 -26.34 32.73 14.66
C ASP A 471 -25.45 31.91 13.75
N ILE A 472 -24.72 30.94 14.31
CA ILE A 472 -23.88 30.08 13.47
C ILE A 472 -24.74 29.27 12.53
N ARG A 473 -25.87 28.77 13.00
CA ARG A 473 -26.79 28.02 12.14
C ARG A 473 -27.37 28.91 11.06
N SER A 474 -27.73 30.15 11.41
CA SER A 474 -28.28 31.08 10.43
C SER A 474 -27.28 31.37 9.33
N LYS A 475 -26.01 31.56 9.68
CA LYS A 475 -24.98 31.69 8.66
C LYS A 475 -24.84 30.40 7.85
N ALA A 476 -24.91 29.25 8.53
CA ALA A 476 -24.81 27.98 7.83
C ALA A 476 -26.08 27.63 7.08
N MET A 477 -27.22 28.20 7.47
CA MET A 477 -28.45 28.03 6.70
C MET A 477 -28.60 29.13 5.66
N ALA A 478 -27.53 29.32 4.89
CA ALA A 478 -27.52 30.15 3.71
C ALA A 478 -26.68 29.50 2.62
N ILE A 479 -26.32 28.23 2.79
CA ILE A 479 -25.54 27.48 1.82
C ILE A 479 -26.39 26.31 1.36
N GLY A 480 -26.63 26.23 0.06
CA GLY A 480 -27.48 25.19 -0.49
C GLY A 480 -26.79 23.84 -0.52
N GLY A 481 -27.51 22.86 -1.06
CA GLY A 481 -26.95 21.54 -1.24
C GLY A 481 -26.93 20.66 -0.01
N PHE A 482 -27.66 21.01 1.04
CA PHE A 482 -27.71 20.24 2.27
C PHE A 482 -29.07 19.57 2.41
N ILE A 483 -29.06 18.35 2.96
CA ILE A 483 -30.24 17.49 2.96
C ILE A 483 -31.29 18.09 3.89
N GLU A 484 -32.39 18.56 3.32
CA GLU A 484 -33.57 18.86 4.11
C GLU A 484 -34.29 17.55 4.43
N PRO A 485 -34.47 17.21 5.70
CA PRO A 485 -35.04 15.89 6.02
C PRO A 485 -36.48 15.73 5.59
N ASP A 486 -37.34 16.69 5.94
CA ASP A 486 -38.74 16.68 5.56
C ASP A 486 -39.11 17.90 4.74
N ASN A 487 -38.13 18.47 4.04
CA ASN A 487 -38.31 19.67 3.21
C ASN A 487 -38.75 20.87 4.04
N ASP A 488 -38.32 20.94 5.30
CA ASP A 488 -38.53 22.10 6.15
C ASP A 488 -37.21 22.51 6.78
N PRO A 489 -37.02 23.80 7.04
CA PRO A 489 -35.75 24.25 7.64
C PRO A 489 -35.62 23.93 9.12
N ALA A 490 -36.73 23.67 9.82
CA ALA A 490 -36.70 23.50 11.27
C ALA A 490 -35.92 22.29 11.73
N ASN A 491 -35.64 21.33 10.84
CA ASN A 491 -34.89 20.13 11.21
C ASN A 491 -33.54 20.06 10.50
N MET A 492 -33.08 21.16 9.93
CA MET A 492 -31.78 21.21 9.28
C MET A 492 -30.72 21.62 10.28
N TRP A 493 -29.54 21.03 10.15
CA TRP A 493 -28.41 21.25 11.06
C TRP A 493 -28.80 20.92 12.49
N GLN A 494 -29.30 19.70 12.68
CA GLN A 494 -29.69 19.25 14.00
C GLN A 494 -28.47 18.96 14.86
N GLU A 495 -28.59 19.22 16.15
CA GLU A 495 -27.51 18.95 17.07
C GLU A 495 -27.23 17.45 17.16
N ARG A 496 -25.98 17.12 17.45
CA ARG A 496 -25.58 15.73 17.58
C ARG A 496 -26.24 15.11 18.81
N ALA A 497 -26.33 13.78 18.80
CA ALA A 497 -26.95 13.04 19.89
C ALA A 497 -25.91 12.68 20.95
N TYR A 498 -26.31 12.83 22.21
CA TYR A 498 -25.43 12.49 23.32
C TYR A 498 -25.42 10.98 23.53
N ALA A 499 -24.27 10.36 23.36
CA ALA A 499 -24.14 8.91 23.49
C ALA A 499 -23.78 8.54 24.92
N VAL A 500 -23.42 7.29 25.14
CA VAL A 500 -23.18 6.79 26.50
C VAL A 500 -21.87 7.34 27.05
N GLY A 501 -20.81 7.34 26.25
CA GLY A 501 -19.52 7.77 26.73
C GLY A 501 -19.27 9.25 26.50
N ALA A 502 -20.25 10.07 26.81
CA ALA A 502 -20.22 11.49 26.50
C ALA A 502 -19.87 12.29 27.74
N SER A 503 -18.83 13.11 27.64
CA SER A 503 -18.50 14.11 28.65
C SER A 503 -19.15 15.41 28.22
N LYS A 504 -20.30 15.74 28.81
CA LYS A 504 -21.12 16.81 28.29
C LYS A 504 -20.50 18.17 28.57
N ASP A 505 -19.42 18.48 27.86
CA ASP A 505 -18.76 19.77 27.99
C ASP A 505 -19.71 20.85 27.51
N PRO A 506 -20.04 21.85 28.33
CA PRO A 506 -20.95 22.91 27.89
C PRO A 506 -20.31 23.94 26.97
N SER A 507 -18.99 23.89 26.78
CA SER A 507 -18.31 24.84 25.92
C SER A 507 -18.11 24.33 24.50
N VAL A 508 -18.54 23.10 24.20
CA VAL A 508 -18.45 22.55 22.85
C VAL A 508 -19.82 22.02 22.47
N ARG A 509 -20.36 22.50 21.35
CA ARG A 509 -21.58 21.97 20.77
C ARG A 509 -21.33 21.73 19.29
N VAL A 510 -21.88 20.64 18.77
CA VAL A 510 -21.67 20.26 17.38
C VAL A 510 -23.00 20.04 16.69
N LEU A 511 -23.16 20.62 15.52
CA LEU A 511 -24.31 20.43 14.63
C LEU A 511 -23.87 19.59 13.45
N GLN A 512 -24.85 19.06 12.70
CA GLN A 512 -24.50 18.21 11.57
C GLN A 512 -25.66 18.12 10.59
N ASN A 513 -25.32 18.13 9.30
CA ASN A 513 -26.22 17.74 8.22
C ASN A 513 -25.43 16.96 7.18
N GLY A 514 -26.13 16.04 6.52
CA GLY A 514 -25.60 15.47 5.30
C GLY A 514 -25.89 16.38 4.13
N LEU A 515 -25.20 16.11 3.01
CA LEU A 515 -25.36 16.93 1.83
C LEU A 515 -25.71 16.04 0.64
N ILE A 516 -26.71 16.48 -0.13
CA ILE A 516 -27.00 15.83 -1.40
C ILE A 516 -25.88 16.13 -2.38
N ASN A 517 -25.71 15.24 -3.36
CA ASN A 517 -24.63 15.35 -4.34
C ASN A 517 -23.28 15.35 -3.63
N PRO A 518 -22.82 14.19 -3.12
CA PRO A 518 -21.52 14.14 -2.44
C PRO A 518 -20.36 14.68 -3.26
N ALA A 519 -20.56 14.84 -4.58
CA ALA A 519 -19.54 15.47 -5.41
C ALA A 519 -19.28 16.91 -5.01
N ASP A 520 -20.26 17.58 -4.41
CA ASP A 520 -20.12 18.96 -3.96
C ASP A 520 -19.46 19.07 -2.59
N ALA A 521 -18.81 18.01 -2.11
CA ALA A 521 -18.17 18.06 -0.80
C ALA A 521 -17.05 19.10 -0.78
N SER A 522 -16.18 19.07 -1.80
CA SER A 522 -15.07 20.02 -1.84
C SER A 522 -15.54 21.44 -2.05
N LYS A 523 -16.57 21.62 -2.88
CA LYS A 523 -17.04 22.96 -3.20
C LYS A 523 -17.71 23.63 -2.00
N LYS A 524 -18.42 22.86 -1.17
CA LYS A 524 -19.17 23.42 -0.06
C LYS A 524 -18.46 23.31 1.28
N LEU A 525 -17.43 22.47 1.39
CA LEU A 525 -16.59 22.49 2.58
C LEU A 525 -15.88 23.82 2.72
N THR A 526 -15.41 24.38 1.60
CA THR A 526 -14.81 25.71 1.63
C THR A 526 -15.85 26.78 1.93
N GLU A 527 -17.08 26.60 1.45
CA GLU A 527 -18.15 27.54 1.77
C GLU A 527 -18.47 27.52 3.25
N LEU A 528 -18.42 26.34 3.88
CA LEU A 528 -18.64 26.25 5.32
C LEU A 528 -17.47 26.82 6.09
N ARG A 529 -16.24 26.54 5.67
CA ARG A 529 -15.08 27.01 6.39
C ARG A 529 -14.81 28.48 6.19
N ALA A 530 -15.72 29.23 5.57
CA ALA A 530 -15.57 30.67 5.41
C ALA A 530 -16.55 31.45 6.27
N ILE A 531 -17.29 30.76 7.16
CA ILE A 531 -18.20 31.45 8.07
C ILE A 531 -17.41 32.35 9.00
N THR A 532 -18.01 33.49 9.36
CA THR A 532 -17.38 34.39 10.33
C THR A 532 -18.07 34.20 11.67
N PRO A 533 -17.43 33.53 12.63
CA PRO A 533 -18.10 33.29 13.92
C PRO A 533 -18.37 34.58 14.63
N PRO A 534 -19.47 34.65 15.41
CA PRO A 534 -19.99 35.94 15.86
C PRO A 534 -19.04 36.78 16.72
N LYS A 535 -18.66 36.29 17.90
CA LYS A 535 -17.80 37.10 18.76
C LYS A 535 -16.53 36.39 19.20
N GLY A 536 -16.67 35.18 19.73
CA GLY A 536 -15.53 34.45 20.25
C GLY A 536 -15.55 32.99 19.83
N ILE A 537 -16.63 32.59 19.18
CA ILE A 537 -16.73 31.22 18.69
C ILE A 537 -15.61 30.93 17.71
N THR A 538 -15.16 29.67 17.71
CA THR A 538 -14.23 29.16 16.69
C THR A 538 -14.84 27.88 16.14
N VAL A 539 -15.32 27.92 14.90
CA VAL A 539 -16.02 26.80 14.30
C VAL A 539 -15.03 25.91 13.59
N LEU A 540 -14.99 24.64 13.97
CA LEU A 540 -14.24 23.62 13.24
C LEU A 540 -15.22 22.78 12.43
N VAL A 541 -14.88 22.50 11.18
CA VAL A 541 -15.74 21.74 10.29
C VAL A 541 -15.10 20.39 10.06
N GLY A 542 -15.83 19.33 10.40
CA GLY A 542 -15.35 17.97 10.30
C GLY A 542 -16.32 17.10 9.54
N GLY A 543 -16.39 15.85 9.96
CA GLY A 543 -17.23 14.87 9.29
C GLY A 543 -16.44 14.02 8.32
N THR A 544 -17.02 12.86 7.98
CA THR A 544 -16.35 11.95 7.06
C THR A 544 -16.08 12.54 5.69
N PRO A 545 -17.00 13.27 5.04
CA PRO A 545 -16.63 13.89 3.76
C PRO A 545 -15.48 14.86 3.87
N ALA A 546 -15.39 15.61 4.98
CA ALA A 546 -14.27 16.53 5.17
C ALA A 546 -13.00 15.81 5.55
N LEU A 547 -13.11 14.68 6.25
CA LEU A 547 -11.95 13.91 6.68
C LEU A 547 -11.12 13.40 5.50
N GLU A 548 -11.75 13.10 4.37
CA GLU A 548 -11.04 12.64 3.19
C GLU A 548 -10.48 13.77 2.35
N LEU A 549 -11.22 14.87 2.21
CA LEU A 549 -10.70 16.03 1.51
C LEU A 549 -9.50 16.62 2.23
N ASP A 550 -9.53 16.63 3.56
CA ASP A 550 -8.39 17.16 4.31
C ASP A 550 -7.16 16.28 4.12
N SER A 551 -7.33 14.96 4.11
CA SER A 551 -6.21 14.08 3.85
C SER A 551 -5.67 14.27 2.44
N ILE A 552 -6.57 14.41 1.46
CA ILE A 552 -6.15 14.62 0.08
C ILE A 552 -5.34 15.91 -0.04
N HIS A 553 -5.82 16.98 0.59
CA HIS A 553 -5.11 18.25 0.49
CA HIS A 553 -5.12 18.25 0.50
C HIS A 553 -3.79 18.22 1.26
N GLY A 554 -3.77 17.54 2.41
CA GLY A 554 -2.51 17.40 3.14
C GLY A 554 -1.48 16.60 2.37
N LEU A 555 -1.94 15.62 1.60
CA LEU A 555 -1.03 14.85 0.75
C LEU A 555 -0.59 15.64 -0.47
N PHE A 556 -1.46 16.48 -1.02
CA PHE A 556 -1.09 17.29 -2.19
C PHE A 556 -0.28 18.52 -1.82
N ALA A 557 -0.26 18.91 -0.55
CA ALA A 557 0.53 20.05 -0.14
C ALA A 557 2.00 19.71 0.09
N LYS A 558 2.36 18.43 0.03
CA LYS A 558 3.74 18.01 0.24
C LYS A 558 4.33 17.27 -0.96
N MET A 559 3.54 17.03 -2.01
CA MET A 559 4.13 16.60 -3.28
C MET A 559 5.18 17.55 -3.82
N PRO A 560 5.02 18.87 -3.79
CA PRO A 560 6.08 19.74 -4.32
C PRO A 560 7.44 19.50 -3.69
N LEU A 561 7.50 19.09 -2.43
CA LEU A 561 8.78 18.80 -1.78
C LEU A 561 9.10 17.32 -1.77
N MET A 562 8.10 16.44 -1.75
CA MET A 562 8.36 15.01 -1.82
C MET A 562 8.97 14.64 -3.17
N VAL A 563 8.48 15.25 -4.26
CA VAL A 563 9.06 14.98 -5.57
C VAL A 563 10.50 15.48 -5.64
N VAL A 564 10.77 16.66 -5.07
CA VAL A 564 12.13 17.19 -5.07
C VAL A 564 13.05 16.25 -4.32
N ILE A 565 12.62 15.77 -3.15
CA ILE A 565 13.45 14.84 -2.38
C ILE A 565 13.66 13.56 -3.16
N LEU A 566 12.58 13.02 -3.76
CA LEU A 566 12.68 11.76 -4.48
C LEU A 566 13.60 11.86 -5.68
N LEU A 567 13.63 13.02 -6.33
CA LEU A 567 14.53 13.20 -7.46
C LEU A 567 15.98 13.44 -7.03
N THR A 568 16.20 14.35 -6.09
CA THR A 568 17.54 14.68 -5.64
C THR A 568 18.24 13.51 -4.95
N THR A 569 17.56 12.75 -4.11
CA THR A 569 18.20 11.64 -3.42
C THR A 569 18.55 10.49 -4.34
N THR A 570 17.79 10.29 -5.42
CA THR A 570 18.11 9.23 -6.36
C THR A 570 19.12 9.65 -7.41
N ILE A 571 19.13 10.93 -7.83
CA ILE A 571 20.13 11.37 -8.79
C ILE A 571 21.52 11.26 -8.20
N VAL A 572 21.71 11.70 -6.97
CA VAL A 572 23.03 11.61 -6.33
C VAL A 572 23.43 10.16 -6.10
N LEU A 573 22.49 9.33 -5.65
CA LEU A 573 22.81 7.94 -5.40
C LEU A 573 23.17 7.20 -6.68
N MET A 574 22.49 7.50 -7.78
CA MET A 574 22.81 6.89 -9.05
C MET A 574 24.07 7.48 -9.67
N PHE A 575 24.46 8.70 -9.30
CA PHE A 575 25.79 9.18 -9.63
C PHE A 575 26.86 8.41 -8.88
N LEU A 576 26.58 8.07 -7.62
CA LEU A 576 27.55 7.26 -6.87
C LEU A 576 27.64 5.85 -7.42
N ALA A 577 26.51 5.27 -7.82
CA ALA A 577 26.53 3.92 -8.38
C ALA A 577 27.19 3.90 -9.75
N PHE A 578 26.80 4.81 -10.64
CA PHE A 578 27.39 4.94 -11.96
C PHE A 578 28.29 6.16 -11.95
N GLY A 579 29.60 5.97 -12.08
CA GLY A 579 30.50 7.10 -11.99
C GLY A 579 30.36 8.06 -13.14
N SER A 580 29.14 8.56 -13.36
CA SER A 580 28.85 9.48 -14.45
C SER A 580 27.65 10.32 -14.05
N VAL A 581 27.50 11.45 -14.74
CA VAL A 581 26.42 12.39 -14.44
C VAL A 581 25.24 12.19 -15.36
N VAL A 582 25.49 11.87 -16.63
CA VAL A 582 24.42 11.79 -17.61
C VAL A 582 23.51 10.59 -17.33
N LEU A 583 24.09 9.47 -16.93
CA LEU A 583 23.30 8.28 -16.68
C LEU A 583 22.25 8.47 -15.58
N PRO A 584 22.54 9.13 -14.45
CA PRO A 584 21.44 9.40 -13.50
C PRO A 584 20.29 10.17 -14.11
N ILE A 585 20.57 11.18 -14.94
CA ILE A 585 19.51 11.95 -15.56
C ILE A 585 18.70 11.07 -16.52
N LYS A 586 19.39 10.25 -17.31
CA LYS A 586 18.70 9.38 -18.25
C LYS A 586 17.79 8.40 -17.52
N ALA A 587 18.30 7.78 -16.45
CA ALA A 587 17.49 6.82 -15.71
C ALA A 587 16.35 7.51 -14.97
N THR A 588 16.55 8.74 -14.51
CA THR A 588 15.45 9.48 -13.88
C THR A 588 14.35 9.78 -14.89
N LEU A 589 14.72 10.18 -16.09
CA LEU A 589 13.72 10.45 -17.12
C LEU A 589 12.94 9.19 -17.47
N MET A 590 13.64 8.06 -17.66
CA MET A 590 12.95 6.81 -17.95
C MET A 590 12.07 6.36 -16.79
N SER A 591 12.52 6.52 -15.54
CA SER A 591 11.70 6.16 -14.40
C SER A 591 10.43 7.02 -14.32
N ALA A 592 10.57 8.31 -14.59
CA ALA A 592 9.40 9.19 -14.58
C ALA A 592 8.42 8.80 -15.68
N LEU A 593 8.93 8.47 -16.87
CA LEU A 593 8.05 8.04 -17.95
C LEU A 593 7.34 6.74 -17.60
N THR A 594 8.06 5.80 -17.00
CA THR A 594 7.43 4.53 -16.59
C THR A 594 6.36 4.77 -15.53
N LEU A 595 6.64 5.65 -14.57
CA LEU A 595 5.66 5.96 -13.54
C LEU A 595 4.42 6.59 -14.16
N GLY A 596 4.60 7.53 -15.09
CA GLY A 596 3.45 8.14 -15.74
C GLY A 596 2.61 7.13 -16.51
N SER A 597 3.26 6.26 -17.27
CA SER A 597 2.52 5.25 -18.02
C SER A 597 1.80 4.28 -17.09
N THR A 598 2.46 3.89 -15.99
CA THR A 598 1.83 2.99 -15.03
C THR A 598 0.59 3.63 -14.40
N MET A 599 0.69 4.89 -14.02
CA MET A 599 -0.46 5.57 -13.44
C MET A 599 -1.58 5.72 -14.46
N GLY A 600 -1.23 6.00 -15.72
CA GLY A 600 -2.24 6.07 -16.75
C GLY A 600 -2.97 4.76 -16.95
N ILE A 601 -2.22 3.65 -16.98
CA ILE A 601 -2.84 2.34 -17.13
C ILE A 601 -3.72 2.02 -15.94
N LEU A 602 -3.23 2.32 -14.73
CA LEU A 602 -4.01 2.07 -13.53
C LEU A 602 -5.32 2.85 -13.55
N THR A 603 -5.27 4.12 -13.96
CA THR A 603 -6.50 4.90 -14.06
C THR A 603 -7.43 4.31 -15.10
N TRP A 604 -6.90 3.96 -16.27
CA TRP A 604 -7.75 3.43 -17.34
C TRP A 604 -8.42 2.13 -16.94
N ILE A 605 -7.78 1.34 -16.09
CA ILE A 605 -8.34 0.04 -15.74
C ILE A 605 -9.26 0.13 -14.53
N PHE A 606 -8.85 0.84 -13.48
CA PHE A 606 -9.59 0.84 -12.22
C PHE A 606 -10.56 2.00 -12.07
N VAL A 607 -10.23 3.19 -12.59
CA VAL A 607 -11.14 4.32 -12.50
C VAL A 607 -12.11 4.32 -13.68
N ASP A 608 -11.59 4.25 -14.91
CA ASP A 608 -12.46 4.18 -16.07
C ASP A 608 -13.23 2.88 -16.13
N GLY A 609 -12.78 1.85 -15.43
CA GLY A 609 -13.57 0.65 -15.26
C GLY A 609 -13.47 -0.38 -16.36
N HIS A 610 -12.32 -0.52 -17.01
CA HIS A 610 -12.13 -1.56 -18.00
C HIS A 610 -11.56 -2.80 -17.35
N PHE A 611 -11.95 -3.97 -17.88
CA PHE A 611 -11.56 -5.28 -17.37
C PHE A 611 -12.03 -5.51 -15.95
N SER A 612 -13.00 -4.74 -15.49
CA SER A 612 -13.52 -4.91 -14.13
C SER A 612 -14.25 -6.24 -14.00
N LYS A 613 -15.03 -6.62 -15.01
CA LYS A 613 -15.71 -7.91 -14.98
C LYS A 613 -14.72 -9.06 -14.97
N TRP A 614 -13.59 -8.91 -15.66
CA TRP A 614 -12.56 -9.94 -15.65
C TRP A 614 -11.90 -10.05 -14.29
N LEU A 615 -11.48 -8.92 -13.72
CA LEU A 615 -10.73 -8.92 -12.47
C LEU A 615 -11.62 -8.87 -11.23
N ASN A 616 -12.93 -8.84 -11.41
CA ASN A 616 -13.89 -8.92 -10.30
C ASN A 616 -13.70 -7.77 -9.31
N PHE A 617 -13.96 -6.56 -9.79
CA PHE A 617 -14.00 -5.40 -8.91
C PHE A 617 -15.01 -4.41 -9.47
N THR A 618 -15.25 -3.34 -8.72
CA THR A 618 -16.15 -2.28 -9.12
C THR A 618 -15.38 -1.01 -9.37
N PRO A 619 -15.52 -0.39 -10.55
CA PRO A 619 -14.80 0.87 -10.83
C PRO A 619 -15.03 1.91 -9.76
N THR A 620 -13.99 2.25 -9.01
CA THR A 620 -14.12 3.12 -7.85
C THR A 620 -13.00 4.14 -7.85
N PRO A 621 -13.23 5.30 -7.24
CA PRO A 621 -12.13 6.25 -7.03
C PRO A 621 -11.02 5.63 -6.21
N LEU A 622 -9.78 5.99 -6.56
CA LEU A 622 -8.62 5.45 -5.87
C LEU A 622 -8.41 6.17 -4.54
N THR A 623 -7.53 5.60 -3.72
CA THR A 623 -7.20 6.15 -2.41
C THR A 623 -5.91 6.95 -2.51
N ALA A 624 -5.93 8.16 -1.96
CA ALA A 624 -4.80 9.07 -2.15
C ALA A 624 -3.49 8.55 -1.54
N PRO A 625 -3.45 8.06 -0.30
CA PRO A 625 -2.16 7.55 0.21
C PRO A 625 -1.58 6.42 -0.62
N VAL A 626 -2.45 5.54 -1.13
CA VAL A 626 -1.95 4.42 -1.93
C VAL A 626 -1.36 4.92 -3.24
N ILE A 627 -1.84 6.06 -3.73
CA ILE A 627 -1.22 6.65 -4.92
C ILE A 627 0.21 7.06 -4.64
N GLY A 628 0.45 7.67 -3.48
CA GLY A 628 1.82 7.99 -3.10
C GLY A 628 2.68 6.77 -2.91
N LEU A 629 2.12 5.73 -2.30
CA LEU A 629 2.85 4.47 -2.14
C LEU A 629 3.21 3.88 -3.50
N ILE A 630 2.26 3.89 -4.44
CA ILE A 630 2.51 3.38 -5.78
C ILE A 630 3.59 4.18 -6.46
N ILE A 631 3.54 5.51 -6.35
CA ILE A 631 4.55 6.36 -6.96
C ILE A 631 5.93 6.00 -6.42
N ALA A 632 6.06 5.92 -5.09
CA ALA A 632 7.36 5.63 -4.49
C ALA A 632 7.86 4.27 -4.91
N LEU A 633 7.02 3.24 -4.81
CA LEU A 633 7.47 1.88 -5.13
C LEU A 633 7.81 1.74 -6.60
N VAL A 634 6.99 2.29 -7.50
CA VAL A 634 7.25 2.17 -8.93
C VAL A 634 8.55 2.88 -9.28
N PHE A 635 8.74 4.11 -8.79
CA PHE A 635 9.97 4.83 -9.06
C PHE A 635 11.18 4.06 -8.55
N GLY A 636 11.08 3.56 -7.31
CA GLY A 636 12.22 2.85 -6.73
C GLY A 636 12.57 1.59 -7.50
N LEU A 637 11.56 0.79 -7.84
CA LEU A 637 11.84 -0.48 -8.50
C LEU A 637 12.26 -0.31 -9.95
N SER A 638 11.69 0.68 -10.65
CA SER A 638 12.19 0.99 -11.99
C SER A 638 13.64 1.44 -11.95
N THR A 639 14.00 2.27 -10.95
CA THR A 639 15.39 2.65 -10.81
C THR A 639 16.26 1.45 -10.47
N ASP A 640 15.74 0.48 -9.73
CA ASP A 640 16.53 -0.72 -9.43
C ASP A 640 16.81 -1.41 -10.74
N TYR A 641 15.80 -1.65 -11.53
CA TYR A 641 16.04 -2.41 -12.77
C TYR A 641 16.98 -1.64 -13.69
N GLU A 642 16.89 -0.32 -13.71
CA GLU A 642 17.86 0.47 -14.47
C GLU A 642 19.27 0.26 -13.93
N VAL A 643 19.42 0.21 -12.60
CA VAL A 643 20.74 -0.03 -12.01
C VAL A 643 21.24 -1.41 -12.38
N PHE A 644 20.38 -2.42 -12.29
CA PHE A 644 20.78 -3.77 -12.65
C PHE A 644 21.25 -3.83 -14.09
N LEU A 645 20.55 -3.14 -14.99
CA LEU A 645 20.92 -3.16 -16.41
C LEU A 645 22.23 -2.40 -16.64
N VAL A 646 22.36 -1.20 -16.09
CA VAL A 646 23.46 -0.32 -16.45
C VAL A 646 24.73 -0.57 -15.64
N SER A 647 24.64 -1.26 -14.50
CA SER A 647 25.85 -1.57 -13.75
C SER A 647 26.79 -2.47 -14.55
N ARG A 648 26.22 -3.44 -15.26
CA ARG A 648 27.04 -4.30 -16.11
C ARG A 648 27.69 -3.50 -17.24
N MET A 649 26.95 -2.55 -17.82
CA MET A 649 27.52 -1.72 -18.88
C MET A 649 28.66 -0.87 -18.35
N VAL A 650 28.48 -0.28 -17.16
CA VAL A 650 29.54 0.55 -16.58
C VAL A 650 30.76 -0.30 -16.24
N GLU A 651 30.52 -1.52 -15.74
CA GLU A 651 31.62 -2.42 -15.45
C GLU A 651 32.38 -2.80 -16.72
N ALA A 652 31.66 -3.07 -17.80
CA ALA A 652 32.30 -3.44 -19.05
C ALA A 652 33.06 -2.26 -19.66
N ARG A 653 32.53 -1.05 -19.50
CA ARG A 653 33.19 0.12 -20.08
C ARG A 653 34.56 0.34 -19.45
N GLU A 654 34.67 0.18 -18.14
CA GLU A 654 35.95 0.35 -17.46
C GLU A 654 36.99 -0.66 -17.94
N ARG A 655 36.56 -1.79 -18.50
CA ARG A 655 37.46 -2.79 -19.03
C ARG A 655 38.01 -2.43 -20.41
N GLY A 656 37.84 -1.19 -20.84
CA GLY A 656 38.34 -0.74 -22.12
C GLY A 656 37.37 -0.84 -23.27
N MET A 657 36.19 -1.42 -23.05
CA MET A 657 35.22 -1.57 -24.12
C MET A 657 34.72 -0.21 -24.60
N SER A 658 34.46 -0.11 -25.91
CA SER A 658 33.87 1.09 -26.46
C SER A 658 32.44 1.25 -25.94
N THR A 659 31.81 2.37 -26.29
CA THR A 659 30.46 2.64 -25.80
C THR A 659 29.45 1.62 -26.34
N GLN A 660 29.58 1.26 -27.61
CA GLN A 660 28.65 0.30 -28.20
C GLN A 660 28.86 -1.10 -27.61
N GLU A 661 30.11 -1.53 -27.53
CA GLU A 661 30.41 -2.83 -26.93
C GLU A 661 30.03 -2.84 -25.46
N ALA A 662 30.25 -1.73 -24.76
CA ALA A 662 29.84 -1.66 -23.36
C ALA A 662 28.36 -2.00 -23.21
N ILE A 663 27.52 -1.40 -24.07
CA ILE A 663 26.10 -1.70 -24.04
C ILE A 663 25.84 -3.16 -24.39
N ARG A 664 26.52 -3.67 -25.43
CA ARG A 664 26.26 -5.05 -25.86
C ARG A 664 26.52 -6.03 -24.72
N ILE A 665 27.72 -6.00 -24.14
CA ILE A 665 28.00 -6.89 -23.01
C ILE A 665 27.08 -6.60 -21.83
N GLY A 666 26.86 -5.33 -21.52
CA GLY A 666 26.08 -5.00 -20.33
C GLY A 666 24.67 -5.56 -20.37
N THR A 667 23.99 -5.43 -21.51
CA THR A 667 22.62 -5.91 -21.62
C THR A 667 22.50 -7.27 -22.30
N ALA A 668 23.63 -7.93 -22.59
CA ALA A 668 23.59 -9.33 -22.98
C ALA A 668 23.96 -10.27 -21.86
N ALA A 669 24.78 -9.81 -20.91
CA ALA A 669 25.13 -10.65 -19.77
C ALA A 669 24.00 -10.71 -18.74
N THR A 670 23.17 -9.68 -18.67
CA THR A 670 22.13 -9.59 -17.66
C THR A 670 20.72 -9.80 -18.22
N GLY A 671 20.60 -10.13 -19.51
CA GLY A 671 19.27 -10.23 -20.10
C GLY A 671 18.43 -11.31 -19.47
N ARG A 672 18.99 -12.53 -19.37
CA ARG A 672 18.24 -13.63 -18.79
C ARG A 672 17.94 -13.37 -17.32
N ILE A 673 18.90 -12.82 -16.58
CA ILE A 673 18.71 -12.59 -15.16
C ILE A 673 17.63 -11.55 -14.92
N ILE A 674 17.63 -10.47 -15.70
CA ILE A 674 16.60 -9.44 -15.53
C ILE A 674 15.25 -9.97 -15.95
N THR A 675 15.20 -10.78 -17.01
CA THR A 675 13.93 -11.38 -17.41
C THR A 675 13.38 -12.28 -16.30
N ALA A 676 14.24 -13.09 -15.69
CA ALA A 676 13.80 -13.97 -14.61
C ALA A 676 13.34 -13.17 -13.40
N ALA A 677 14.06 -12.10 -13.06
CA ALA A 677 13.66 -11.26 -11.94
C ALA A 677 12.32 -10.60 -12.19
N ALA A 678 12.12 -10.09 -13.41
CA ALA A 678 10.84 -9.50 -13.76
C ALA A 678 9.71 -10.52 -13.68
N LEU A 679 9.95 -11.74 -14.15
CA LEU A 679 8.93 -12.78 -14.05
C LEU A 679 8.63 -13.10 -12.60
N ILE A 680 9.67 -13.16 -11.76
CA ILE A 680 9.46 -13.49 -10.35
C ILE A 680 8.60 -12.44 -9.67
N VAL A 681 8.93 -11.16 -9.88
CA VAL A 681 8.13 -10.12 -9.24
C VAL A 681 6.75 -10.04 -9.86
N ALA A 682 6.61 -10.32 -11.16
CA ALA A 682 5.30 -10.35 -11.78
C ALA A 682 4.43 -11.44 -11.18
N VAL A 683 5.01 -12.62 -10.94
CA VAL A 683 4.25 -13.69 -10.29
C VAL A 683 3.85 -13.30 -8.88
N VAL A 684 4.79 -12.71 -8.12
CA VAL A 684 4.49 -12.33 -6.75
C VAL A 684 3.38 -11.30 -6.71
N ALA A 685 3.42 -10.32 -7.60
CA ALA A 685 2.40 -9.28 -7.61
C ALA A 685 1.07 -9.81 -8.14
N GLY A 686 1.10 -10.69 -9.13
CA GLY A 686 -0.11 -11.27 -9.67
C GLY A 686 -0.81 -12.20 -8.70
N ALA A 687 -0.06 -12.80 -7.77
CA ALA A 687 -0.71 -13.50 -6.66
C ALA A 687 -1.54 -12.54 -5.82
N PHE A 688 -1.15 -11.27 -5.78
CA PHE A 688 -1.87 -10.24 -5.05
C PHE A 688 -2.82 -9.43 -5.91
N VAL A 689 -2.71 -9.52 -7.24
CA VAL A 689 -3.69 -8.89 -8.11
C VAL A 689 -5.05 -9.56 -7.96
N PHE A 690 -5.05 -10.87 -7.74
CA PHE A 690 -6.28 -11.63 -7.55
C PHE A 690 -6.89 -11.42 -6.16
N SER A 691 -6.43 -10.42 -5.43
CA SER A 691 -6.93 -10.16 -4.08
C SER A 691 -8.39 -9.75 -4.12
N ASP A 692 -9.01 -9.76 -2.94
CA ASP A 692 -10.40 -9.32 -2.79
C ASP A 692 -10.49 -7.88 -2.29
N LEU A 693 -9.38 -7.17 -2.20
CA LEU A 693 -9.37 -5.77 -1.80
C LEU A 693 -8.85 -4.95 -2.97
N VAL A 694 -9.65 -3.98 -3.42
CA VAL A 694 -9.29 -3.21 -4.62
C VAL A 694 -7.99 -2.45 -4.41
N MET A 695 -7.77 -1.95 -3.19
CA MET A 695 -6.54 -1.23 -2.88
C MET A 695 -5.31 -2.07 -3.22
N MET A 696 -5.25 -3.29 -2.69
CA MET A 696 -4.12 -4.15 -2.97
C MET A 696 -4.13 -4.60 -4.42
N LYS A 697 -5.31 -4.77 -5.01
CA LYS A 697 -5.38 -5.16 -6.41
C LYS A 697 -4.67 -4.14 -7.30
N TYR A 698 -5.01 -2.86 -7.16
CA TYR A 698 -4.37 -1.90 -8.05
C TYR A 698 -2.95 -1.54 -7.61
N LEU A 699 -2.61 -1.70 -6.34
CA LEU A 699 -1.19 -1.61 -5.97
C LEU A 699 -0.36 -2.67 -6.69
N ALA A 700 -0.77 -3.92 -6.59
CA ALA A 700 -0.04 -5.01 -7.22
C ALA A 700 -0.08 -4.88 -8.73
N PHE A 701 -1.20 -4.42 -9.30
CA PHE A 701 -1.27 -4.28 -10.74
C PHE A 701 -0.41 -3.13 -11.24
N GLY A 702 -0.31 -2.05 -10.47
CA GLY A 702 0.64 -1.01 -10.82
C GLY A 702 2.07 -1.51 -10.80
N LEU A 703 2.41 -2.32 -9.80
CA LEU A 703 3.74 -2.92 -9.79
C LEU A 703 3.96 -3.80 -11.02
N MET A 704 2.97 -4.64 -11.35
CA MET A 704 3.10 -5.52 -12.51
C MET A 704 3.27 -4.72 -13.80
N ALA A 705 2.47 -3.68 -13.99
CA ALA A 705 2.58 -2.88 -15.19
C ALA A 705 3.93 -2.18 -15.25
N ALA A 706 4.39 -1.63 -14.12
CA ALA A 706 5.66 -0.93 -14.10
C ALA A 706 6.80 -1.86 -14.49
N LEU A 707 6.84 -3.06 -13.91
CA LEU A 707 7.95 -3.95 -14.24
C LEU A 707 7.79 -4.57 -15.63
N LEU A 708 6.57 -4.84 -16.07
CA LEU A 708 6.39 -5.30 -17.44
C LEU A 708 6.93 -4.29 -18.43
N LEU A 709 6.59 -3.02 -18.24
CA LEU A 709 7.14 -1.98 -19.12
C LEU A 709 8.65 -1.92 -18.97
N ASP A 710 9.17 -1.78 -17.75
CA ASP A 710 10.63 -1.60 -17.52
C ASP A 710 11.46 -2.80 -17.91
N ALA A 711 10.89 -3.96 -18.08
CA ALA A 711 11.68 -5.09 -18.51
C ALA A 711 11.39 -5.59 -19.91
N THR A 712 10.28 -5.18 -20.54
CA THR A 712 9.95 -5.66 -21.87
C THR A 712 9.87 -4.57 -22.92
N VAL A 713 9.99 -3.30 -22.55
CA VAL A 713 10.06 -2.25 -23.56
C VAL A 713 11.27 -1.39 -23.25
N VAL A 714 11.33 -0.86 -22.03
CA VAL A 714 12.39 0.06 -21.64
C VAL A 714 13.75 -0.61 -21.81
N ARG A 715 13.97 -1.70 -21.08
CA ARG A 715 15.28 -2.35 -21.09
C ARG A 715 15.69 -2.79 -22.49
N MET A 716 14.76 -3.37 -23.25
CA MET A 716 15.16 -3.95 -24.52
C MET A 716 15.39 -2.89 -25.60
N PHE A 717 14.65 -1.78 -25.57
CA PHE A 717 14.77 -0.84 -26.68
C PHE A 717 15.18 0.57 -26.27
N LEU A 718 14.62 1.10 -25.19
CA LEU A 718 14.82 2.52 -24.90
C LEU A 718 16.21 2.79 -24.34
N VAL A 719 16.65 2.01 -23.36
CA VAL A 719 17.97 2.24 -22.77
C VAL A 719 19.10 2.09 -23.79
N PRO A 720 19.18 1.00 -24.57
CA PRO A 720 20.27 0.94 -25.56
C PRO A 720 20.23 2.04 -26.59
N SER A 721 19.03 2.36 -27.11
CA SER A 721 18.94 3.38 -28.15
C SER A 721 19.34 4.74 -27.62
N VAL A 722 18.88 5.10 -26.42
CA VAL A 722 19.24 6.39 -25.84
C VAL A 722 20.73 6.44 -25.54
N MET A 723 21.27 5.37 -24.95
CA MET A 723 22.69 5.38 -24.61
C MET A 723 23.58 5.39 -25.86
N LYS A 724 23.08 4.88 -26.98
CA LYS A 724 23.83 5.00 -28.22
C LYS A 724 23.71 6.40 -28.80
N LEU A 725 22.53 7.01 -28.71
CA LEU A 725 22.35 8.37 -29.22
C LEU A 725 23.22 9.35 -28.46
N LEU A 726 23.31 9.20 -27.14
CA LEU A 726 24.14 10.08 -26.33
C LEU A 726 25.60 10.02 -26.75
N GLY A 727 26.10 8.81 -26.98
CA GLY A 727 27.46 8.64 -27.44
C GLY A 727 28.42 8.33 -26.32
N ASP A 728 29.67 8.76 -26.47
CA ASP A 728 30.71 8.51 -25.47
C ASP A 728 30.53 9.37 -24.22
N ASP A 729 29.57 10.28 -24.21
CA ASP A 729 29.33 11.14 -23.08
C ASP A 729 28.40 10.53 -22.03
N CYS A 730 27.96 9.28 -22.24
CA CYS A 730 27.23 8.57 -21.19
C CYS A 730 28.11 8.37 -19.96
N TRP A 731 29.42 8.35 -20.14
CA TRP A 731 30.35 7.92 -19.10
C TRP A 731 31.08 9.10 -18.48
N TRP A 732 30.51 10.30 -18.60
CA TRP A 732 31.19 11.54 -18.25
C TRP A 732 30.75 11.99 -16.86
N ALA A 733 31.72 12.14 -15.97
CA ALA A 733 31.56 12.81 -14.69
C ALA A 733 32.76 13.72 -14.52
N PRO A 734 32.58 14.90 -13.93
CA PRO A 734 33.72 15.81 -13.75
C PRO A 734 34.81 15.17 -12.90
N ARG A 735 35.99 15.77 -12.95
CA ARG A 735 37.11 15.21 -12.20
C ARG A 735 36.87 15.33 -10.70
N TRP A 736 36.30 16.45 -10.24
CA TRP A 736 35.99 16.58 -8.83
C TRP A 736 34.90 15.58 -8.41
N ALA A 737 33.98 15.25 -9.31
CA ALA A 737 32.94 14.30 -8.99
C ALA A 737 33.51 12.91 -8.76
N ARG A 738 34.42 12.47 -9.63
CA ARG A 738 34.98 11.13 -9.50
C ARG A 738 35.95 11.04 -8.33
N ARG A 739 36.72 12.10 -8.07
CA ARG A 739 37.59 12.06 -6.90
C ARG A 739 36.79 12.15 -5.62
N LEU A 740 35.62 12.80 -5.65
CA LEU A 740 34.74 12.77 -4.49
C LEU A 740 34.12 11.39 -4.31
N GLN A 741 33.81 10.72 -5.41
CA GLN A 741 33.31 9.35 -5.32
C GLN A 741 34.38 8.41 -4.79
N THR A 742 35.64 8.67 -5.10
CA THR A 742 36.74 7.87 -4.57
C THR A 742 37.00 8.17 -3.09
N ARG A 743 36.90 9.45 -2.71
CA ARG A 743 37.12 9.82 -1.31
C ARG A 743 36.10 9.16 -0.40
N ILE A 744 34.85 9.06 -0.86
CA ILE A 744 33.84 8.34 -0.11
C ILE A 744 34.22 6.87 0.01
N GLY A 745 34.83 6.32 -1.02
CA GLY A 745 35.19 4.92 -1.04
C GLY A 745 34.24 4.02 -1.80
N LEU A 746 33.25 4.59 -2.49
CA LEU A 746 32.26 3.81 -3.22
C LEU A 746 32.63 3.62 -4.70
N GLY A 747 33.69 4.26 -5.18
CA GLY A 747 34.05 4.10 -6.57
C GLY A 747 35.05 3.00 -6.80
N GLU A 748 34.55 1.80 -7.10
CA GLU A 748 35.38 0.65 -7.42
C GLU A 748 34.73 -0.19 -8.52
N ILE A 749 34.05 0.46 -9.45
CA ILE A 749 33.25 -0.19 -10.49
C ILE A 749 34.11 -0.99 -11.45
N HIS A 750 35.43 -0.95 -11.27
CA HIS A 750 36.36 -1.63 -12.15
C HIS A 750 37.01 -2.81 -11.43
N LEU A 751 37.00 -3.98 -12.07
CA LEU A 751 37.72 -5.15 -11.60
C LEU A 751 38.92 -5.41 -12.50
N PRO A 752 40.16 -5.33 -11.99
CA PRO A 752 41.36 -5.58 -12.80
C PRO A 752 41.48 -7.02 -13.26
C1 AV0 B . -12.76 4.77 10.12
O1 AV0 B . -12.96 4.22 8.87
C2 AV0 B . -11.27 4.95 10.38
O2 AV0 B . -10.64 3.67 10.33
C3 AV0 B . -11.03 5.57 11.71
O3 AV0 B . -9.61 5.89 11.80
C4 AV0 B . -11.83 6.80 11.97
O4 AV0 B . -11.85 7.08 13.42
C5 AV0 B . -13.29 6.71 11.52
O5 AV0 B . -13.45 6.08 10.18
C6 AV0 B . -13.87 8.08 11.46
O6 AV0 B . -14.46 8.29 10.21
CAA AV0 B . -6.37 -4.00 5.12
CAB AV0 B . -25.43 1.87 9.50
OAI AV0 B . -8.15 8.24 11.90
OAJ AV0 B . -23.99 7.49 2.49
OAL AV0 B . -16.03 6.95 0.95
OAN AV0 B . -20.38 6.89 4.79
OAP AV0 B . -19.17 4.89 6.36
OAQ AV0 B . -10.68 11.63 14.09
OAR AV0 B . -22.30 8.90 -0.07
OAS AV0 B . -9.08 9.00 16.01
OAT AV0 B . -20.07 8.10 -1.71
OAU AV0 B . -12.47 9.45 14.77
OAV AV0 B . -18.03 6.86 -0.27
CAW AV0 B . -7.52 -3.34 5.85
CAX AV0 B . -24.53 1.04 8.53
CAY AV0 B . -7.06 -2.02 6.45
CAZ AV0 B . -23.22 1.82 8.25
CBA AV0 B . -8.28 -1.20 6.88
CBB AV0 B . -22.37 1.01 7.23
CBC AV0 B . -9.26 -1.10 5.72
CBD AV0 B . -21.12 1.84 6.80
CBE AV0 B . -10.32 0.03 6.02
CBF AV0 B . -20.07 0.88 6.19
CBG AV0 B . -11.04 -0.28 7.40
CBH AV0 B . -18.76 1.67 5.84
CBI AV0 B . -11.54 1.07 8.02
CBJ AV0 B . -17.53 0.85 6.30
CBK AV0 B . -13.08 1.28 7.72
CBL AV0 B . -16.21 1.67 6.05
CBM AV0 B . -8.21 9.13 13.00
CBN AV0 B . -23.32 6.65 1.59
CBP AV0 B . -16.23 7.38 2.28
CBQ AV0 B . -13.28 2.53 6.77
CBR AV0 B . -15.75 2.31 7.40
CBS AV0 B . -14.37 4.13 8.53
CBT AV0 B . -15.00 4.37 6.04
OBV AV0 B . -16.34 4.82 6.27
OBX AV0 B . -16.30 5.89 4.18
OBY AV0 B . -10.60 8.91 12.65
OBZ AV0 B . -21.00 5.96 1.80
OCB AV0 B . -19.18 7.34 2.26
CCC AV0 B . -9.51 9.86 12.97
CCD AV0 B . -21.87 7.09 1.47
CCF AV0 B . -17.07 6.35 3.02
CCH AV0 B . -19.18 6.15 4.34
CCJ AV0 B . -17.09 5.07 5.12
CCL AV0 B . -18.39 5.77 5.52
CCM AV0 B . -14.60 3.32 7.18
CCN AV0 B . -9.72 10.58 14.31
CCO AV0 B . -21.64 7.63 0.05
CCQ AV0 B . -18.40 7.00 3.41
CCR AV0 B . -10.85 7.99 13.77
CCS AV0 B . -19.57 6.25 1.51
CCT AV0 B . -10.21 9.73 15.42
CCU AV0 B . -20.20 7.80 -0.28
CCV AV0 B . -11.25 8.75 15.02
CCW AV0 B . -19.41 6.61 0.03
#